data_3AFO
#
_entry.id   3AFO
#
_cell.length_a   98.685
_cell.length_b   132.782
_cell.length_c   59.636
_cell.angle_alpha   90.00
_cell.angle_beta   90.00
_cell.angle_gamma   90.00
#
_symmetry.space_group_name_H-M   'P 21 21 2'
#
loop_
_entity.id
_entity.type
_entity.pdbx_description
1 polymer 'NADH kinase POS5'
2 non-polymer '1,4-DIHYDRONICOTINAMIDE ADENINE DINUCLEOTIDE'
3 non-polymer (4S)-2-METHYL-2,4-PENTANEDIOL
4 water water
#
_entity_poly.entity_id   1
_entity_poly.type   'polypeptide(L)'
_entity_poly.pdbx_seq_one_letter_code
;LQSGSKFVKIKPVNNLRSSSSADFVSPPNSKLQSLIWQNPLQNVYITKKPWTPSTREAMVEFITHLHESYPEVNVIVQPD
VAEEISQDFKSPLENDPNRPHILYTGPEQDIVNRTDLLVTLGGDGTILHGVSMFGNTQVPPVLAFALGTLGFLSPFDFKE
HKKVFQEVISSRAKCLHRTRLECHLKKKDSNSSIVTHAMNDIFLHRGNSPHLTNLDIFIDGEFLTRTTADGVALATPTGS
TAYSLSAGGSIVSPLVPAILMTPICPRSLSFRPLILPHSSHIRIKIGSKLNQKPVNSVVKLSVDGIPQQDLDVGDEIYVI
NEVGTIYIDGTQLPTTRKTENDFNNSKKPKRSGIYCVAKTENDWIRGINELLGFNSSFRLTKRQTDND
;
_entity_poly.pdbx_strand_id   A,B
#
# COMPACT_ATOMS: atom_id res chain seq x y z
N LEU A 1 44.98 -13.97 9.40
CA LEU A 1 44.95 -13.52 7.99
C LEU A 1 46.16 -12.61 7.69
N GLN A 2 46.83 -12.88 6.57
CA GLN A 2 48.04 -12.14 6.18
C GLN A 2 47.72 -10.84 5.45
N SER A 3 48.23 -9.74 6.00
CA SER A 3 48.20 -8.45 5.36
C SER A 3 49.28 -8.42 4.29
N GLY A 4 49.00 -7.76 3.18
CA GLY A 4 49.99 -7.59 2.13
C GLY A 4 50.82 -6.32 2.27
N SER A 5 50.84 -5.76 3.47
CA SER A 5 51.62 -4.55 3.74
C SER A 5 51.85 -4.38 5.24
N LYS A 6 53.05 -3.92 5.60
CA LYS A 6 53.39 -3.57 6.97
C LYS A 6 52.67 -2.28 7.41
N PHE A 7 52.03 -1.61 6.47
CA PHE A 7 51.26 -0.38 6.75
C PHE A 7 49.78 -0.68 7.08
N VAL A 8 49.44 -1.96 7.04
CA VAL A 8 48.09 -2.43 7.36
C VAL A 8 48.18 -3.59 8.34
N LYS A 9 47.43 -3.51 9.44
N LYS A 9 47.40 -3.51 9.42
CA LYS A 9 47.24 -4.65 10.34
CA LYS A 9 47.23 -4.62 10.36
C LYS A 9 45.78 -5.07 10.31
C LYS A 9 45.78 -5.06 10.31
N ILE A 10 45.55 -6.37 10.14
CA ILE A 10 44.21 -6.94 10.15
C ILE A 10 43.94 -7.50 11.55
N LYS A 11 42.93 -6.96 12.24
CA LYS A 11 42.61 -7.34 13.62
C LYS A 11 41.20 -7.97 13.77
N PRO A 12 41.03 -8.90 14.74
CA PRO A 12 39.71 -9.50 14.99
C PRO A 12 38.67 -8.44 15.33
N VAL A 13 37.52 -8.49 14.66
CA VAL A 13 36.46 -7.52 14.93
C VAL A 13 35.87 -7.67 16.35
N ASN A 14 36.01 -8.86 16.95
CA ASN A 14 35.58 -9.02 18.34
C ASN A 14 36.38 -8.16 19.33
N ASN A 15 37.44 -7.51 18.86
CA ASN A 15 38.16 -6.51 19.68
C ASN A 15 37.33 -5.24 19.87
N LEU A 16 36.27 -5.08 19.08
CA LEU A 16 35.41 -3.90 19.14
C LEU A 16 34.20 -4.11 20.04
N ARG A 17 33.64 -3.01 20.52
CA ARG A 17 32.47 -2.99 21.40
C ARG A 17 31.20 -3.28 20.64
N SER A 18 30.20 -3.81 21.34
CA SER A 18 28.86 -4.05 20.82
C SER A 18 28.22 -2.81 20.18
N SER A 19 27.35 -3.04 19.20
CA SER A 19 26.66 -1.97 18.46
C SER A 19 25.99 -0.95 19.36
N SER A 20 26.05 0.31 18.93
CA SER A 20 25.26 1.37 19.52
C SER A 20 24.06 1.64 18.63
N SER A 21 22.88 1.18 19.05
CA SER A 21 21.66 1.48 18.32
C SER A 21 21.39 2.99 18.43
N ALA A 22 21.22 3.63 17.29
CA ALA A 22 20.97 5.06 17.24
C ALA A 22 19.53 5.39 17.61
N ASP A 23 19.24 6.68 17.73
CA ASP A 23 17.87 7.15 17.92
C ASP A 23 17.33 7.71 16.63
N PHE A 24 16.02 7.56 16.44
CA PHE A 24 15.33 8.07 15.26
C PHE A 24 14.14 8.96 15.61
N VAL A 25 14.45 10.23 15.84
CA VAL A 25 13.46 11.25 16.20
C VAL A 25 12.68 11.68 14.95
N SER A 26 11.37 11.80 15.07
CA SER A 26 10.53 12.17 13.93
C SER A 26 9.68 13.42 14.20
N LYS A 31 8.48 13.23 7.36
CA LYS A 31 8.46 11.87 6.79
C LYS A 31 9.85 11.20 6.69
N LEU A 32 10.88 11.93 7.10
CA LEU A 32 12.19 11.35 7.34
C LEU A 32 12.43 11.33 8.85
N GLN A 33 13.31 10.44 9.30
CA GLN A 33 13.68 10.40 10.71
C GLN A 33 15.10 10.91 10.90
N SER A 34 15.28 11.78 11.89
CA SER A 34 16.60 12.26 12.28
C SER A 34 17.43 11.14 12.89
N LEU A 35 18.65 10.95 12.39
CA LEU A 35 19.57 9.96 12.94
C LEU A 35 20.45 10.64 14.01
N ILE A 36 20.18 10.35 15.28
CA ILE A 36 20.91 10.96 16.38
C ILE A 36 21.57 9.84 17.19
N TRP A 37 22.89 9.88 17.24
CA TRP A 37 23.68 8.86 17.92
C TRP A 37 23.61 9.07 19.43
N GLN A 38 23.08 8.07 20.14
CA GLN A 38 23.08 8.12 21.61
C GLN A 38 24.51 7.91 22.14
N ASN A 39 25.14 6.79 21.77
CA ASN A 39 26.60 6.65 21.90
C ASN A 39 27.21 7.14 20.59
N PRO A 40 28.36 7.84 20.66
CA PRO A 40 29.02 8.33 19.43
C PRO A 40 29.28 7.23 18.39
N LEU A 41 29.18 7.59 17.12
CA LEU A 41 29.45 6.65 16.02
C LEU A 41 30.93 6.25 16.02
N GLN A 42 31.19 4.95 16.03
CA GLN A 42 32.56 4.44 16.01
C GLN A 42 32.80 3.30 15.01
N ASN A 43 31.97 2.25 15.06
CA ASN A 43 32.19 1.05 14.26
C ASN A 43 31.50 1.13 12.88
N VAL A 44 32.30 1.37 11.85
CA VAL A 44 31.77 1.54 10.51
C VAL A 44 32.10 0.32 9.65
N TYR A 45 31.08 -0.43 9.28
CA TYR A 45 31.22 -1.57 8.36
C TYR A 45 31.06 -1.13 6.90
N ILE A 46 32.06 -1.45 6.08
CA ILE A 46 32.07 -1.01 4.69
C ILE A 46 32.08 -2.20 3.75
N THR A 47 31.14 -2.20 2.81
N THR A 47 31.15 -2.21 2.81
CA THR A 47 31.05 -3.24 1.79
CA THR A 47 31.06 -3.27 1.81
C THR A 47 31.13 -2.61 0.42
C THR A 47 31.06 -2.64 0.42
N LYS A 48 31.58 -3.39 -0.57
CA LYS A 48 31.69 -2.88 -1.93
C LYS A 48 31.26 -3.91 -2.95
N LYS A 49 30.89 -3.43 -4.14
CA LYS A 49 30.62 -4.33 -5.22
C LYS A 49 31.93 -5.01 -5.60
N PRO A 50 31.94 -6.36 -5.61
CA PRO A 50 33.18 -7.09 -5.84
C PRO A 50 33.67 -6.97 -7.29
N TRP A 51 34.97 -7.20 -7.48
CA TRP A 51 35.61 -7.24 -8.80
C TRP A 51 35.35 -6.02 -9.67
N THR A 52 35.26 -4.86 -9.04
CA THR A 52 35.12 -3.60 -9.78
C THR A 52 36.06 -2.53 -9.20
N PRO A 53 37.09 -2.16 -10.00
CA PRO A 53 38.18 -1.28 -9.59
C PRO A 53 37.73 0.00 -8.89
N SER A 54 36.73 0.69 -9.46
CA SER A 54 36.23 1.91 -8.86
C SER A 54 35.82 1.74 -7.38
N THR A 55 35.21 0.61 -7.02
CA THR A 55 34.74 0.43 -5.64
C THR A 55 35.86 0.00 -4.67
N ARG A 56 36.84 -0.73 -5.17
CA ARG A 56 38.05 -1.04 -4.39
C ARG A 56 38.83 0.26 -4.14
N GLU A 57 38.97 1.07 -5.18
CA GLU A 57 39.63 2.38 -5.05
C GLU A 57 38.90 3.29 -4.08
N ALA A 58 37.56 3.32 -4.19
CA ALA A 58 36.73 4.13 -3.31
C ALA A 58 36.81 3.67 -1.86
N MET A 59 36.85 2.36 -1.65
CA MET A 59 36.97 1.81 -0.29
C MET A 59 38.27 2.26 0.38
N VAL A 60 39.37 2.11 -0.33
CA VAL A 60 40.68 2.54 0.19
C VAL A 60 40.67 4.04 0.49
N GLU A 61 40.12 4.83 -0.43
CA GLU A 61 40.03 6.28 -0.26
C GLU A 61 39.12 6.67 0.91
N PHE A 62 38.03 5.93 1.09
CA PHE A 62 37.11 6.24 2.18
C PHE A 62 37.74 5.92 3.54
N ILE A 63 38.33 4.74 3.65
CA ILE A 63 39.00 4.27 4.86
C ILE A 63 40.17 5.19 5.25
N THR A 64 40.93 5.62 4.25
CA THR A 64 42.01 6.61 4.44
C THR A 64 41.46 7.89 5.07
N HIS A 65 40.36 8.41 4.51
CA HIS A 65 39.69 9.57 5.08
C HIS A 65 39.24 9.38 6.53
N LEU A 66 38.62 8.24 6.85
CA LEU A 66 38.18 7.95 8.21
C LEU A 66 39.37 7.93 9.18
N HIS A 67 40.42 7.25 8.76
CA HIS A 67 41.63 7.11 9.58
C HIS A 67 42.37 8.42 9.77
N GLU A 68 42.31 9.28 8.76
CA GLU A 68 42.90 10.61 8.86
C GLU A 68 42.06 11.54 9.74
N SER A 69 40.74 11.52 9.58
CA SER A 69 39.89 12.58 10.14
C SER A 69 39.10 12.23 11.40
N TYR A 70 38.87 10.93 11.61
CA TYR A 70 38.09 10.45 12.75
C TYR A 70 38.84 9.35 13.52
N PRO A 71 39.78 9.74 14.42
CA PRO A 71 40.52 8.74 15.18
C PRO A 71 39.65 7.74 15.94
N GLU A 72 38.49 8.18 16.44
CA GLU A 72 37.58 7.31 17.19
C GLU A 72 36.93 6.19 16.35
N VAL A 73 37.00 6.32 15.03
CA VAL A 73 36.32 5.40 14.11
C VAL A 73 37.08 4.09 13.89
N ASN A 74 36.34 2.98 13.96
CA ASN A 74 36.88 1.66 13.68
C ASN A 74 36.28 1.10 12.41
N VAL A 75 37.14 0.70 11.48
CA VAL A 75 36.75 0.18 10.15
C VAL A 75 36.63 -1.33 10.15
N ILE A 76 35.44 -1.80 9.77
CA ILE A 76 35.17 -3.22 9.62
C ILE A 76 34.93 -3.53 8.14
N VAL A 77 35.58 -4.59 7.62
CA VAL A 77 35.34 -5.08 6.27
C VAL A 77 35.29 -6.60 6.33
N GLN A 78 34.83 -7.22 5.25
N GLN A 78 34.80 -7.24 5.28
CA GLN A 78 34.84 -8.67 5.06
CA GLN A 78 34.79 -8.69 5.20
C GLN A 78 36.28 -9.23 5.10
C GLN A 78 36.23 -9.24 5.10
N PRO A 79 36.44 -10.49 5.54
CA PRO A 79 37.77 -11.12 5.61
C PRO A 79 38.55 -11.17 4.28
N ASP A 80 37.88 -11.54 3.20
CA ASP A 80 38.54 -11.61 1.91
C ASP A 80 38.89 -10.22 1.38
N VAL A 81 38.03 -9.24 1.70
CA VAL A 81 38.26 -7.84 1.33
C VAL A 81 39.46 -7.25 2.08
N ALA A 82 39.54 -7.51 3.39
CA ALA A 82 40.69 -7.10 4.20
C ALA A 82 42.01 -7.53 3.56
N GLU A 83 42.09 -8.82 3.22
CA GLU A 83 43.25 -9.37 2.51
C GLU A 83 43.44 -8.75 1.14
N GLU A 84 42.34 -8.57 0.41
CA GLU A 84 42.38 -7.99 -0.92
C GLU A 84 42.96 -6.58 -0.92
N ILE A 85 42.49 -5.72 -0.02
CA ILE A 85 42.85 -4.31 -0.03
C ILE A 85 44.10 -3.95 0.78
N SER A 86 44.61 -4.90 1.57
CA SER A 86 45.76 -4.62 2.45
C SER A 86 46.98 -4.09 1.68
N GLN A 87 47.28 -4.68 0.53
N GLN A 87 47.24 -4.69 0.52
CA GLN A 87 48.40 -4.18 -0.31
CA GLN A 87 48.29 -4.27 -0.40
C GLN A 87 48.15 -2.80 -0.92
C GLN A 87 48.12 -2.84 -0.94
N ASP A 88 46.90 -2.31 -0.87
CA ASP A 88 46.55 -1.02 -1.52
C ASP A 88 46.91 0.23 -0.72
N PHE A 89 47.17 0.08 0.58
CA PHE A 89 47.55 1.23 1.40
C PHE A 89 49.07 1.40 1.29
N LYS A 90 49.47 2.58 0.85
CA LYS A 90 50.86 2.83 0.47
C LYS A 90 51.61 3.70 1.47
N SER A 91 50.99 3.96 2.61
CA SER A 91 51.60 4.73 3.69
C SER A 91 50.86 4.43 5.00
N PRO A 92 51.55 4.59 6.15
CA PRO A 92 50.88 4.42 7.43
C PRO A 92 50.22 5.74 7.84
N LEU A 93 49.60 5.78 9.00
CA LEU A 93 48.95 7.02 9.46
C LEU A 93 49.98 8.06 9.88
N GLU A 94 49.76 9.30 9.42
CA GLU A 94 50.56 10.46 9.87
C GLU A 94 52.05 10.19 9.69
N ASN A 95 52.39 9.46 8.63
CA ASN A 95 53.76 9.12 8.30
C ASN A 95 54.52 8.33 9.40
N ASP A 96 53.77 7.77 10.34
CA ASP A 96 54.34 7.05 11.48
C ASP A 96 54.20 5.54 11.26
N PRO A 97 55.33 4.84 11.03
CA PRO A 97 55.34 3.39 10.75
C PRO A 97 54.82 2.54 11.90
N ASN A 98 54.73 3.11 13.10
CA ASN A 98 54.16 2.41 14.24
C ASN A 98 52.65 2.59 14.36
N ARG A 99 52.06 3.28 13.38
CA ARG A 99 50.62 3.47 13.33
C ARG A 99 50.07 3.00 11.97
N PRO A 100 50.01 1.67 11.76
CA PRO A 100 49.45 1.16 10.51
C PRO A 100 47.93 1.35 10.43
N HIS A 101 47.39 1.35 9.21
CA HIS A 101 45.95 1.31 9.02
C HIS A 101 45.45 0.02 9.63
N ILE A 102 44.46 0.11 10.51
CA ILE A 102 43.87 -1.08 11.10
C ILE A 102 42.53 -1.39 10.44
N LEU A 103 42.38 -2.64 10.01
CA LEU A 103 41.15 -3.13 9.43
C LEU A 103 40.65 -4.26 10.32
N TYR A 104 39.46 -4.08 10.89
CA TYR A 104 38.85 -5.14 11.70
C TYR A 104 37.99 -6.04 10.83
N THR A 105 38.09 -7.34 11.08
CA THR A 105 37.35 -8.32 10.31
C THR A 105 37.05 -9.58 11.12
N GLY A 106 36.12 -10.40 10.62
CA GLY A 106 35.79 -11.69 11.20
C GLY A 106 34.56 -12.28 10.55
N PRO A 107 33.96 -13.32 11.16
CA PRO A 107 32.73 -13.94 10.67
C PRO A 107 31.52 -13.00 10.78
N GLU A 108 30.51 -13.19 9.92
CA GLU A 108 29.31 -12.34 9.85
C GLU A 108 28.73 -12.02 11.23
N GLN A 109 28.49 -13.06 12.03
CA GLN A 109 27.90 -12.91 13.36
C GLN A 109 28.69 -11.92 14.21
N ASP A 110 30.01 -12.01 14.14
CA ASP A 110 30.90 -11.07 14.83
C ASP A 110 30.73 -9.65 14.29
N ILE A 111 30.64 -9.51 12.96
CA ILE A 111 30.49 -8.19 12.34
C ILE A 111 29.13 -7.59 12.67
N VAL A 112 28.09 -8.40 12.51
CA VAL A 112 26.70 -8.01 12.72
C VAL A 112 26.47 -7.37 14.11
N ASN A 113 27.08 -7.96 15.13
CA ASN A 113 26.94 -7.54 16.53
C ASN A 113 27.58 -6.20 16.87
N ARG A 114 28.52 -5.77 16.04
CA ARG A 114 29.36 -4.63 16.37
C ARG A 114 29.21 -3.42 15.46
N THR A 115 28.49 -3.58 14.36
CA THR A 115 28.28 -2.49 13.40
C THR A 115 27.36 -1.37 13.89
N ASP A 116 27.85 -0.14 13.93
CA ASP A 116 27.01 1.04 14.18
C ASP A 116 26.38 1.56 12.88
N LEU A 117 27.12 1.39 11.78
CA LEU A 117 26.74 1.98 10.50
C LEU A 117 27.23 1.10 9.36
N LEU A 118 26.33 0.82 8.42
CA LEU A 118 26.65 0.13 7.18
C LEU A 118 26.88 1.17 6.09
N VAL A 119 28.05 1.11 5.46
CA VAL A 119 28.39 1.97 4.32
C VAL A 119 28.57 1.07 3.09
N THR A 120 27.82 1.32 2.04
CA THR A 120 27.91 0.54 0.80
C THR A 120 28.54 1.35 -0.34
N LEU A 121 29.42 0.69 -1.10
CA LEU A 121 30.09 1.31 -2.21
C LEU A 121 29.82 0.48 -3.48
N GLY A 122 28.86 0.94 -4.29
CA GLY A 122 28.47 0.17 -5.47
C GLY A 122 27.11 0.53 -5.99
N GLY A 123 26.26 -0.48 -6.10
CA GLY A 123 24.90 -0.29 -6.65
C GLY A 123 23.83 -0.88 -5.74
N ASP A 124 22.66 -1.18 -6.34
CA ASP A 124 21.52 -1.67 -5.60
C ASP A 124 21.82 -3.03 -4.96
N GLY A 125 22.48 -3.90 -5.72
CA GLY A 125 22.90 -5.21 -5.23
C GLY A 125 23.80 -5.13 -4.00
N THR A 126 24.63 -4.08 -3.95
CA THR A 126 25.55 -3.88 -2.82
C THR A 126 24.78 -3.59 -1.53
N ILE A 127 23.82 -2.69 -1.60
CA ILE A 127 22.90 -2.44 -0.49
C ILE A 127 22.18 -3.73 -0.08
N LEU A 128 21.56 -4.41 -1.06
CA LEU A 128 20.80 -5.63 -0.81
C LEU A 128 21.59 -6.72 -0.05
N HIS A 129 22.78 -7.05 -0.55
CA HIS A 129 23.63 -8.04 0.11
C HIS A 129 24.13 -7.57 1.48
N GLY A 130 24.43 -6.28 1.60
CA GLY A 130 24.86 -5.70 2.88
C GLY A 130 23.79 -5.78 3.95
N VAL A 131 22.58 -5.33 3.62
CA VAL A 131 21.45 -5.41 4.54
C VAL A 131 21.10 -6.87 4.87
N SER A 132 21.22 -7.74 3.86
CA SER A 132 20.94 -9.16 3.98
C SER A 132 21.67 -9.84 5.12
N MET A 133 22.89 -9.38 5.40
CA MET A 133 23.68 -9.84 6.54
C MET A 133 22.96 -9.69 7.87
N PHE A 134 22.18 -8.62 8.01
CA PHE A 134 21.51 -8.29 9.27
C PHE A 134 20.07 -8.83 9.34
N GLY A 135 19.83 -9.93 8.62
CA GLY A 135 18.51 -10.55 8.50
C GLY A 135 17.75 -10.79 9.79
N ASN A 136 18.30 -11.60 10.68
CA ASN A 136 17.55 -11.93 11.90
C ASN A 136 17.74 -10.93 13.04
N THR A 137 18.54 -9.89 12.82
CA THR A 137 18.70 -8.86 13.83
C THR A 137 18.29 -7.45 13.38
N GLN A 138 18.62 -6.48 14.21
CA GLN A 138 18.39 -5.10 13.94
C GLN A 138 19.38 -4.63 12.86
N VAL A 139 18.90 -3.89 11.86
CA VAL A 139 19.75 -3.34 10.82
C VAL A 139 20.27 -1.95 11.22
N PRO A 140 21.60 -1.76 11.20
CA PRO A 140 22.14 -0.42 11.47
C PRO A 140 21.74 0.51 10.31
N PRO A 141 21.79 1.83 10.54
CA PRO A 141 21.56 2.82 9.49
C PRO A 141 22.46 2.53 8.28
N VAL A 142 21.96 2.84 7.08
CA VAL A 142 22.66 2.51 5.83
C VAL A 142 23.03 3.77 5.05
N LEU A 143 24.33 3.92 4.80
CA LEU A 143 24.86 5.05 4.04
C LEU A 143 25.35 4.53 2.71
N ALA A 144 24.68 4.94 1.64
CA ALA A 144 24.86 4.30 0.35
C ALA A 144 25.46 5.25 -0.69
N PHE A 145 26.63 4.89 -1.20
CA PHE A 145 27.29 5.67 -2.25
C PHE A 145 27.30 4.93 -3.57
N ALA A 146 26.88 5.63 -4.62
CA ALA A 146 26.80 5.07 -5.97
C ALA A 146 28.13 5.12 -6.70
N LEU A 147 28.65 3.94 -7.04
CA LEU A 147 29.85 3.84 -7.86
C LEU A 147 29.57 2.91 -9.02
N GLY A 148 30.23 3.17 -10.16
CA GLY A 148 30.04 2.34 -11.35
C GLY A 148 28.70 2.63 -11.99
N THR A 149 28.11 1.61 -12.58
CA THR A 149 26.82 1.74 -13.27
C THR A 149 25.74 2.12 -12.26
N LEU A 150 24.92 3.10 -12.60
CA LEU A 150 23.89 3.58 -11.71
C LEU A 150 22.75 2.58 -11.47
N GLY A 151 22.27 2.59 -10.23
CA GLY A 151 21.09 1.86 -9.82
C GLY A 151 20.11 2.91 -9.33
N PHE A 152 19.15 2.48 -8.50
CA PHE A 152 18.10 3.36 -8.04
C PHE A 152 18.23 3.79 -6.57
N LEU A 153 18.79 2.91 -5.73
CA LEU A 153 18.68 3.08 -4.27
C LEU A 153 19.74 3.97 -3.59
N SER A 154 20.97 3.97 -4.10
CA SER A 154 22.05 4.78 -3.50
C SER A 154 21.87 6.27 -3.80
N PRO A 155 21.58 7.08 -2.76
CA PRO A 155 21.28 8.49 -3.05
C PRO A 155 22.51 9.41 -3.25
N PHE A 156 23.70 8.94 -2.89
CA PHE A 156 24.90 9.79 -2.91
C PHE A 156 25.95 9.36 -3.91
N ASP A 157 26.50 10.36 -4.59
CA ASP A 157 27.71 10.20 -5.38
C ASP A 157 28.85 10.02 -4.40
N PHE A 158 29.75 9.08 -4.65
CA PHE A 158 30.91 8.87 -3.76
C PHE A 158 31.78 10.12 -3.59
N LYS A 159 31.78 10.99 -4.61
N LYS A 159 31.79 11.03 -4.57
CA LYS A 159 32.49 12.28 -4.56
CA LYS A 159 32.59 12.25 -4.47
C LYS A 159 32.12 13.10 -3.34
C LYS A 159 32.08 13.22 -3.42
N GLU A 160 30.87 12.96 -2.89
CA GLU A 160 30.34 13.75 -1.78
C GLU A 160 30.69 13.14 -0.41
N HIS A 161 31.53 12.10 -0.38
CA HIS A 161 31.67 11.26 0.84
C HIS A 161 32.13 11.98 2.13
N LYS A 162 33.03 12.96 2.02
CA LYS A 162 33.49 13.69 3.20
C LYS A 162 32.36 14.49 3.86
N LYS A 163 31.66 15.30 3.06
N LYS A 163 31.67 15.32 3.07
CA LYS A 163 30.57 16.14 3.53
CA LYS A 163 30.55 16.14 3.54
C LYS A 163 29.37 15.36 4.06
C LYS A 163 29.42 15.30 4.13
N VAL A 164 29.06 14.23 3.41
CA VAL A 164 27.93 13.38 3.81
C VAL A 164 28.25 12.65 5.11
N PHE A 165 29.41 12.01 5.17
CA PHE A 165 29.83 11.32 6.40
C PHE A 165 29.89 12.28 7.61
N GLN A 166 30.39 13.49 7.37
N GLN A 166 30.38 13.49 7.40
CA GLN A 166 30.42 14.59 8.35
CA GLN A 166 30.41 14.50 8.47
C GLN A 166 29.03 14.84 8.97
C GLN A 166 29.00 14.81 9.01
N GLU A 167 28.01 14.93 8.11
CA GLU A 167 26.62 15.17 8.55
C GLU A 167 26.08 13.99 9.35
N VAL A 168 26.43 12.79 8.91
CA VAL A 168 25.97 11.57 9.54
C VAL A 168 26.52 11.46 10.96
N ILE A 169 27.85 11.52 11.09
CA ILE A 169 28.51 11.35 12.40
C ILE A 169 28.15 12.45 13.41
N SER A 170 27.88 13.66 12.91
CA SER A 170 27.51 14.78 13.76
C SER A 170 26.02 14.80 14.15
N SER A 171 25.33 13.69 13.89
CA SER A 171 23.87 13.58 14.17
C SER A 171 23.01 14.62 13.45
N ARG A 172 23.41 15.02 12.23
CA ARG A 172 22.61 15.97 11.44
C ARG A 172 21.94 15.35 10.18
N ALA A 173 22.10 14.05 10.00
CA ALA A 173 21.51 13.38 8.83
C ALA A 173 20.09 12.92 9.13
N LYS A 174 19.34 12.68 8.05
CA LYS A 174 17.99 12.11 8.14
C LYS A 174 17.90 10.85 7.30
N CYS A 175 17.00 9.95 7.71
CA CYS A 175 16.87 8.64 7.09
C CYS A 175 15.42 8.38 6.68
N LEU A 176 15.28 7.66 5.57
CA LEU A 176 14.02 7.08 5.16
C LEU A 176 13.92 5.65 5.71
N HIS A 177 12.79 5.36 6.32
CA HIS A 177 12.50 4.02 6.80
C HIS A 177 11.95 3.14 5.67
N ARG A 178 12.56 1.97 5.49
CA ARG A 178 12.09 1.01 4.52
C ARG A 178 11.79 -0.27 5.27
N THR A 179 10.60 -0.83 5.03
N THR A 179 10.60 -0.83 5.02
CA THR A 179 10.15 -2.04 5.71
CA THR A 179 10.16 -2.05 5.68
C THR A 179 10.77 -3.29 5.09
C THR A 179 10.83 -3.28 5.10
N ARG A 180 10.74 -4.40 5.83
CA ARG A 180 11.28 -5.67 5.38
C ARG A 180 10.19 -6.73 5.37
N LEU A 181 10.28 -7.65 4.39
CA LEU A 181 9.45 -8.85 4.37
C LEU A 181 10.21 -10.05 4.97
N GLU A 182 9.45 -11.01 5.45
CA GLU A 182 9.99 -12.29 5.90
C GLU A 182 9.43 -13.38 5.02
N CYS A 183 10.32 -14.22 4.49
CA CYS A 183 9.93 -15.41 3.77
C CYS A 183 10.20 -16.64 4.65
N HIS A 184 9.15 -17.43 4.91
CA HIS A 184 9.27 -18.68 5.66
C HIS A 184 9.09 -19.83 4.68
N LEU A 185 10.15 -20.57 4.41
CA LEU A 185 10.06 -21.74 3.53
C LEU A 185 9.80 -23.00 4.34
N LYS A 186 8.69 -23.68 4.01
N LYS A 186 8.71 -23.70 4.01
CA LYS A 186 8.33 -24.95 4.62
CA LYS A 186 8.35 -24.95 4.66
C LYS A 186 8.36 -26.03 3.55
C LYS A 186 8.33 -26.07 3.62
N LYS A 187 9.40 -26.86 3.59
CA LYS A 187 9.56 -27.94 2.60
C LYS A 187 8.45 -29.00 2.74
N LYS A 188 8.09 -29.63 1.61
CA LYS A 188 7.23 -30.81 1.62
C LYS A 188 7.83 -31.85 2.54
N ASP A 189 6.99 -32.45 3.38
CA ASP A 189 7.37 -33.48 4.35
C ASP A 189 8.21 -32.91 5.48
N SER A 190 8.08 -31.62 5.72
CA SER A 190 8.78 -30.95 6.80
C SER A 190 7.82 -30.08 7.60
N ASN A 191 8.09 -29.96 8.90
CA ASN A 191 7.39 -29.01 9.75
C ASN A 191 8.32 -27.92 10.28
N SER A 192 9.49 -27.80 9.68
CA SER A 192 10.44 -26.77 10.05
C SER A 192 10.39 -25.65 9.02
N SER A 193 11.02 -24.52 9.32
CA SER A 193 11.02 -23.40 8.39
C SER A 193 12.39 -22.77 8.24
N ILE A 194 12.71 -22.40 7.01
CA ILE A 194 13.90 -21.64 6.68
C ILE A 194 13.46 -20.18 6.47
N VAL A 195 13.94 -19.29 7.35
CA VAL A 195 13.54 -17.88 7.32
C VAL A 195 14.58 -17.00 6.62
N THR A 196 14.10 -16.18 5.69
CA THR A 196 14.93 -15.18 5.03
C THR A 196 14.24 -13.81 5.08
N HIS A 197 15.03 -12.76 4.91
CA HIS A 197 14.54 -11.40 5.00
C HIS A 197 14.78 -10.64 3.70
N ALA A 198 13.79 -9.87 3.28
CA ALA A 198 13.81 -9.20 1.98
C ALA A 198 13.61 -7.71 2.09
N MET A 199 14.48 -6.96 1.41
CA MET A 199 14.34 -5.51 1.31
C MET A 199 13.56 -5.14 0.03
N ASN A 200 13.80 -5.91 -1.03
CA ASN A 200 13.18 -5.72 -2.34
C ASN A 200 11.98 -6.64 -2.52
N ASP A 201 12.29 -7.93 -2.60
CA ASP A 201 11.29 -8.89 -3.00
C ASP A 201 11.59 -10.34 -2.69
N ILE A 202 10.54 -11.13 -2.77
CA ILE A 202 10.61 -12.58 -2.74
C ILE A 202 9.92 -13.05 -4.00
N PHE A 203 10.58 -13.89 -4.78
CA PHE A 203 9.95 -14.39 -6.01
C PHE A 203 10.17 -15.84 -6.34
N LEU A 204 9.19 -16.39 -7.03
CA LEU A 204 9.21 -17.76 -7.53
C LEU A 204 9.25 -17.67 -9.05
N HIS A 205 10.05 -18.52 -9.67
CA HIS A 205 10.22 -18.47 -11.12
C HIS A 205 10.55 -19.85 -11.67
N ARG A 206 10.04 -20.16 -12.86
CA ARG A 206 10.31 -21.43 -13.53
C ARG A 206 11.80 -21.63 -13.82
N GLY A 207 12.53 -20.52 -13.94
CA GLY A 207 13.99 -20.53 -14.12
C GLY A 207 14.46 -21.37 -15.29
N ASN A 208 15.24 -22.40 -14.98
CA ASN A 208 15.78 -23.33 -15.99
C ASN A 208 14.74 -24.22 -16.66
N SER A 209 13.65 -24.49 -15.97
CA SER A 209 12.59 -25.36 -16.45
C SER A 209 11.83 -24.70 -17.60
N PRO A 210 11.51 -25.47 -18.67
CA PRO A 210 10.76 -24.93 -19.81
C PRO A 210 9.26 -24.86 -19.54
N HIS A 211 8.82 -25.49 -18.47
CA HIS A 211 7.40 -25.56 -18.14
C HIS A 211 7.01 -24.49 -17.14
N LEU A 212 5.75 -24.11 -17.18
CA LEU A 212 5.25 -23.03 -16.35
C LEU A 212 5.06 -23.55 -14.93
N THR A 213 5.24 -22.66 -13.97
CA THR A 213 4.97 -22.95 -12.56
C THR A 213 3.45 -22.97 -12.36
N ASN A 214 2.98 -23.76 -11.41
CA ASN A 214 1.58 -23.78 -11.04
C ASN A 214 1.54 -23.48 -9.56
N LEU A 215 1.03 -22.30 -9.19
CA LEU A 215 1.12 -21.81 -7.80
C LEU A 215 -0.23 -21.47 -7.22
N ASP A 216 -0.48 -22.00 -6.03
CA ASP A 216 -1.73 -21.75 -5.31
C ASP A 216 -1.47 -20.72 -4.22
N ILE A 217 -2.20 -19.61 -4.31
CA ILE A 217 -1.97 -18.44 -3.49
C ILE A 217 -3.11 -18.28 -2.49
N PHE A 218 -2.74 -18.12 -1.21
CA PHE A 218 -3.71 -17.94 -0.14
C PHE A 218 -3.39 -16.65 0.59
N ILE A 219 -4.42 -15.85 0.84
CA ILE A 219 -4.27 -14.63 1.61
C ILE A 219 -5.12 -14.77 2.88
N ASP A 220 -4.50 -14.54 4.03
CA ASP A 220 -5.20 -14.62 5.33
C ASP A 220 -5.96 -15.95 5.48
N GLY A 221 -5.36 -17.02 5.00
CA GLY A 221 -5.95 -18.35 5.07
C GLY A 221 -7.01 -18.69 4.04
N GLU A 222 -7.39 -17.71 3.21
N GLU A 222 -7.40 -17.71 3.22
CA GLU A 222 -8.39 -17.91 2.17
CA GLU A 222 -8.40 -17.90 2.18
C GLU A 222 -7.71 -18.10 0.82
C GLU A 222 -7.71 -18.11 0.83
N PHE A 223 -8.22 -19.04 0.04
CA PHE A 223 -7.69 -19.30 -1.28
C PHE A 223 -8.00 -18.12 -2.19
N LEU A 224 -6.97 -17.56 -2.80
CA LEU A 224 -7.12 -16.43 -3.72
C LEU A 224 -7.25 -16.94 -5.14
N THR A 225 -6.21 -17.62 -5.62
CA THR A 225 -6.19 -18.03 -7.00
C THR A 225 -5.07 -19.04 -7.23
N ARG A 226 -5.22 -19.82 -8.29
CA ARG A 226 -4.11 -20.58 -8.89
C ARG A 226 -3.58 -19.81 -10.08
N THR A 227 -2.27 -19.61 -10.13
CA THR A 227 -1.68 -19.01 -11.31
C THR A 227 -0.72 -19.99 -11.99
N THR A 228 -0.79 -20.02 -13.32
N THR A 228 -0.84 -20.11 -13.31
CA THR A 228 0.11 -20.78 -14.18
CA THR A 228 0.18 -20.80 -14.10
C THR A 228 0.92 -19.76 -14.97
C THR A 228 0.91 -19.71 -14.88
N ALA A 229 2.22 -19.69 -14.71
CA ALA A 229 3.02 -18.52 -15.13
C ALA A 229 4.50 -18.81 -15.14
N ASP A 230 5.30 -17.85 -15.59
CA ASP A 230 6.74 -17.86 -15.27
C ASP A 230 6.96 -17.88 -13.76
N GLY A 231 6.11 -17.15 -13.03
CA GLY A 231 6.23 -17.07 -11.57
C GLY A 231 5.43 -15.94 -10.96
N VAL A 232 5.84 -15.49 -9.79
CA VAL A 232 5.14 -14.43 -9.08
C VAL A 232 6.16 -13.73 -8.17
N ALA A 233 5.96 -12.44 -7.94
CA ALA A 233 6.83 -11.66 -7.08
C ALA A 233 6.01 -11.04 -5.96
N LEU A 234 6.53 -11.11 -4.73
CA LEU A 234 6.02 -10.38 -3.59
C LEU A 234 7.06 -9.32 -3.24
N ALA A 235 6.65 -8.05 -3.23
CA ALA A 235 7.61 -6.96 -3.13
C ALA A 235 7.22 -5.97 -2.05
N THR A 236 8.24 -5.37 -1.44
CA THR A 236 8.02 -4.19 -0.61
C THR A 236 7.79 -3.03 -1.56
N PRO A 237 7.32 -1.88 -1.03
CA PRO A 237 7.28 -0.64 -1.80
C PRO A 237 8.64 -0.28 -2.39
N THR A 238 9.71 -0.48 -1.61
CA THR A 238 11.07 -0.33 -2.14
C THR A 238 11.27 -1.20 -3.39
N GLY A 239 10.79 -2.44 -3.34
CA GLY A 239 10.91 -3.36 -4.47
C GLY A 239 9.94 -3.13 -5.62
N SER A 240 9.01 -2.19 -5.45
CA SER A 240 8.03 -1.87 -6.53
C SER A 240 8.72 -1.33 -7.79
N THR A 241 9.88 -0.72 -7.62
CA THR A 241 10.64 -0.23 -8.76
C THR A 241 11.63 -1.27 -9.31
N ALA A 242 11.60 -2.47 -8.75
CA ALA A 242 12.54 -3.54 -9.16
C ALA A 242 11.84 -4.56 -10.07
N TYR A 243 11.97 -5.86 -9.80
CA TYR A 243 11.33 -6.89 -10.67
C TYR A 243 9.84 -6.62 -10.92
N SER A 244 9.12 -6.22 -9.87
CA SER A 244 7.69 -5.97 -9.98
C SER A 244 7.37 -4.93 -11.06
N LEU A 245 8.21 -3.89 -11.16
CA LEU A 245 8.07 -2.85 -12.20
C LEU A 245 8.20 -3.44 -13.59
N SER A 246 9.23 -4.24 -13.79
CA SER A 246 9.46 -4.91 -15.06
C SER A 246 8.29 -5.80 -15.47
N ALA A 247 7.62 -6.39 -14.49
CA ALA A 247 6.48 -7.25 -14.71
C ALA A 247 5.14 -6.46 -14.81
N GLY A 248 5.21 -5.14 -14.84
CA GLY A 248 4.02 -4.30 -15.08
C GLY A 248 3.37 -3.71 -13.82
N GLY A 249 4.03 -3.84 -12.67
CA GLY A 249 3.48 -3.32 -11.41
C GLY A 249 3.49 -1.80 -11.30
N SER A 250 2.70 -1.29 -10.35
CA SER A 250 2.63 0.13 -10.04
C SER A 250 3.84 0.57 -9.21
N ILE A 251 4.15 1.85 -9.30
CA ILE A 251 5.25 2.45 -8.54
C ILE A 251 4.68 2.88 -7.20
N VAL A 252 5.22 2.33 -6.12
CA VAL A 252 4.65 2.53 -4.81
C VAL A 252 5.65 3.27 -3.94
N SER A 253 5.23 4.42 -3.41
CA SER A 253 6.07 5.18 -2.50
C SER A 253 6.52 4.34 -1.29
N PRO A 254 7.80 4.43 -0.91
CA PRO A 254 8.30 3.64 0.23
C PRO A 254 7.68 4.04 1.57
N LEU A 255 6.87 5.10 1.57
CA LEU A 255 6.11 5.47 2.78
C LEU A 255 4.75 4.77 2.91
N VAL A 256 4.34 4.04 1.87
CA VAL A 256 3.06 3.33 1.90
C VAL A 256 3.29 1.99 2.58
N PRO A 257 2.46 1.65 3.59
CA PRO A 257 2.55 0.29 4.13
C PRO A 257 1.71 -0.67 3.29
N ALA A 258 2.37 -1.52 2.52
CA ALA A 258 1.70 -2.45 1.61
C ALA A 258 2.66 -3.55 1.21
N ILE A 259 2.10 -4.65 0.71
CA ILE A 259 2.86 -5.69 0.07
C ILE A 259 2.34 -5.79 -1.34
N LEU A 260 3.24 -5.78 -2.32
CA LEU A 260 2.84 -5.96 -3.72
C LEU A 260 2.81 -7.44 -4.06
N MET A 261 1.77 -7.85 -4.77
CA MET A 261 1.73 -9.18 -5.39
C MET A 261 1.62 -9.00 -6.90
N THR A 262 2.70 -9.33 -7.62
CA THR A 262 2.76 -9.05 -9.05
C THR A 262 3.07 -10.32 -9.84
N PRO A 263 2.19 -10.68 -10.80
CA PRO A 263 2.44 -11.92 -11.55
C PRO A 263 3.59 -11.73 -12.54
N ILE A 264 4.33 -12.80 -12.80
CA ILE A 264 5.39 -12.77 -13.79
C ILE A 264 4.97 -13.62 -14.99
N CYS A 265 4.66 -12.95 -16.11
CA CYS A 265 4.19 -13.61 -17.34
C CYS A 265 3.13 -14.69 -17.08
N PRO A 266 1.97 -14.28 -16.55
CA PRO A 266 0.92 -15.28 -16.25
C PRO A 266 0.11 -15.69 -17.48
N ARG A 267 -0.34 -16.95 -17.51
CA ARG A 267 -1.28 -17.44 -18.52
C ARG A 267 -2.66 -17.01 -18.14
N SER A 268 -2.92 -15.71 -18.29
CA SER A 268 -4.20 -15.15 -17.91
C SER A 268 -4.27 -13.80 -18.56
N LEU A 269 -5.49 -13.35 -18.86
CA LEU A 269 -5.70 -11.98 -19.31
C LEU A 269 -6.08 -11.07 -18.15
N SER A 270 -6.30 -11.64 -16.97
CA SER A 270 -6.93 -10.88 -15.89
C SER A 270 -6.21 -10.87 -14.54
N PHE A 271 -4.93 -11.25 -14.51
CA PHE A 271 -4.15 -11.17 -13.26
C PHE A 271 -3.56 -9.76 -13.15
N ARG A 272 -4.43 -8.82 -12.79
CA ARG A 272 -4.01 -7.44 -12.57
C ARG A 272 -3.19 -7.42 -11.28
N PRO A 273 -2.06 -6.67 -11.25
CA PRO A 273 -1.26 -6.64 -10.02
C PRO A 273 -2.07 -6.21 -8.79
N LEU A 274 -1.78 -6.80 -7.64
CA LEU A 274 -2.52 -6.51 -6.40
C LEU A 274 -1.67 -5.74 -5.41
N ILE A 275 -2.31 -4.86 -4.64
CA ILE A 275 -1.64 -4.16 -3.54
C ILE A 275 -2.36 -4.57 -2.27
N LEU A 276 -1.62 -5.22 -1.37
CA LEU A 276 -2.20 -5.83 -0.18
C LEU A 276 -1.77 -5.05 1.07
N PRO A 277 -2.56 -5.13 2.16
CA PRO A 277 -2.22 -4.52 3.44
C PRO A 277 -0.90 -5.05 3.97
N HIS A 278 -0.15 -4.22 4.70
CA HIS A 278 1.10 -4.66 5.30
C HIS A 278 0.87 -5.78 6.33
N SER A 279 -0.35 -5.84 6.85
CA SER A 279 -0.77 -6.84 7.84
C SER A 279 -1.07 -8.23 7.28
N SER A 280 -1.04 -8.36 5.94
CA SER A 280 -1.42 -9.61 5.24
C SER A 280 -0.57 -10.82 5.58
N HIS A 281 -1.19 -12.00 5.50
CA HIS A 281 -0.53 -13.27 5.68
C HIS A 281 -0.64 -13.98 4.33
N ILE A 282 0.49 -14.24 3.70
CA ILE A 282 0.48 -14.79 2.36
C ILE A 282 1.12 -16.17 2.39
N ARG A 283 0.43 -17.13 1.82
CA ARG A 283 0.97 -18.48 1.65
C ARG A 283 0.88 -18.86 0.19
N ILE A 284 2.00 -19.35 -0.35
CA ILE A 284 2.06 -19.86 -1.72
C ILE A 284 2.58 -21.31 -1.74
N LYS A 285 1.74 -22.21 -2.23
CA LYS A 285 2.10 -23.62 -2.34
C LYS A 285 2.39 -23.98 -3.80
N ILE A 286 3.49 -24.70 -4.02
CA ILE A 286 3.89 -25.16 -5.34
C ILE A 286 3.00 -26.34 -5.74
N GLY A 287 2.17 -26.14 -6.76
CA GLY A 287 1.28 -27.19 -7.25
C GLY A 287 1.76 -27.78 -8.57
N SER A 288 0.88 -28.54 -9.22
CA SER A 288 1.16 -29.08 -10.54
C SER A 288 -0.17 -29.35 -11.22
N LYS A 289 -0.14 -29.65 -12.52
CA LYS A 289 -1.34 -30.12 -13.23
C LYS A 289 -1.37 -31.65 -13.26
N LEU A 290 -2.58 -32.22 -13.31
CA LEU A 290 -2.80 -33.67 -13.21
C LEU A 290 -2.06 -34.46 -14.29
N ASN A 291 -1.10 -35.27 -13.85
CA ASN A 291 -0.22 -36.04 -14.72
C ASN A 291 0.62 -35.12 -15.62
N GLN A 292 1.93 -35.13 -15.41
CA GLN A 292 2.76 -34.00 -15.80
C GLN A 292 4.22 -34.31 -16.13
N LYS A 293 4.99 -33.23 -16.24
CA LYS A 293 6.45 -33.21 -16.26
C LYS A 293 7.04 -33.76 -14.94
N PRO A 294 8.37 -33.57 -14.73
CA PRO A 294 8.95 -33.72 -13.39
C PRO A 294 8.22 -32.92 -12.30
N VAL A 295 8.33 -33.37 -11.04
CA VAL A 295 7.74 -32.67 -9.91
C VAL A 295 8.81 -32.03 -9.00
N ASN A 296 10.06 -32.27 -9.34
CA ASN A 296 11.19 -31.70 -8.58
C ASN A 296 11.85 -30.55 -9.32
N SER A 297 12.39 -29.60 -8.56
CA SER A 297 13.09 -28.42 -9.11
C SER A 297 12.25 -27.66 -10.12
N VAL A 298 10.94 -27.68 -9.93
CA VAL A 298 10.02 -27.07 -10.89
C VAL A 298 9.98 -25.53 -10.77
N VAL A 299 10.41 -25.03 -9.62
N VAL A 299 10.36 -25.01 -9.61
CA VAL A 299 10.40 -23.60 -9.33
CA VAL A 299 10.36 -23.57 -9.40
C VAL A 299 11.64 -23.16 -8.54
C VAL A 299 11.52 -23.16 -8.50
N LYS A 300 12.18 -22.01 -8.90
N LYS A 300 12.22 -22.12 -8.89
CA LYS A 300 13.29 -21.43 -8.16
CA LYS A 300 13.26 -21.59 -8.02
C LYS A 300 12.75 -20.38 -7.19
C LYS A 300 12.78 -20.41 -7.19
N LEU A 301 13.30 -20.33 -5.98
CA LEU A 301 12.99 -19.29 -5.03
C LEU A 301 14.17 -18.33 -4.91
N SER A 302 13.90 -17.04 -5.10
CA SER A 302 14.90 -16.01 -4.88
C SER A 302 14.42 -14.95 -3.90
N VAL A 303 15.37 -14.41 -3.13
CA VAL A 303 15.07 -13.39 -2.14
C VAL A 303 16.07 -12.26 -2.41
N ASP A 304 15.56 -11.07 -2.70
CA ASP A 304 16.38 -9.94 -3.18
C ASP A 304 17.34 -10.33 -4.31
N GLY A 305 16.89 -11.22 -5.20
CA GLY A 305 17.68 -11.61 -6.36
C GLY A 305 18.62 -12.79 -6.15
N ILE A 306 18.86 -13.14 -4.89
CA ILE A 306 19.74 -14.25 -4.51
C ILE A 306 19.00 -15.58 -4.55
N PRO A 307 19.41 -16.48 -5.46
CA PRO A 307 18.77 -17.81 -5.54
C PRO A 307 18.95 -18.52 -4.22
N GLN A 308 17.87 -19.07 -3.68
CA GLN A 308 17.92 -19.74 -2.39
C GLN A 308 18.01 -21.23 -2.63
N GLN A 309 17.07 -21.72 -3.43
CA GLN A 309 16.76 -23.13 -3.55
C GLN A 309 15.86 -23.37 -4.72
N ASP A 310 16.00 -24.54 -5.31
CA ASP A 310 14.96 -25.05 -6.18
C ASP A 310 13.94 -25.70 -5.27
N LEU A 311 12.67 -25.49 -5.59
CA LEU A 311 11.57 -26.01 -4.81
C LEU A 311 10.85 -27.09 -5.58
N ASP A 312 10.20 -27.97 -4.83
CA ASP A 312 9.45 -29.10 -5.37
C ASP A 312 7.96 -28.90 -5.16
N VAL A 313 7.15 -29.59 -5.95
CA VAL A 313 5.72 -29.66 -5.74
C VAL A 313 5.44 -30.06 -4.29
N GLY A 314 4.61 -29.26 -3.62
CA GLY A 314 4.26 -29.49 -2.22
C GLY A 314 4.95 -28.56 -1.23
N ASP A 315 6.08 -27.98 -1.63
CA ASP A 315 6.75 -26.96 -0.82
C ASP A 315 5.81 -25.75 -0.70
N GLU A 316 5.93 -24.98 0.39
CA GLU A 316 5.21 -23.72 0.53
C GLU A 316 6.13 -22.64 1.04
N ILE A 317 5.85 -21.40 0.63
CA ILE A 317 6.42 -20.24 1.30
C ILE A 317 5.32 -19.45 2.00
N TYR A 318 5.66 -18.92 3.18
CA TYR A 318 4.81 -18.00 3.92
C TYR A 318 5.49 -16.64 3.91
N VAL A 319 4.75 -15.60 3.57
CA VAL A 319 5.34 -14.27 3.46
C VAL A 319 4.54 -13.28 4.29
N ILE A 320 5.25 -12.59 5.16
CA ILE A 320 4.65 -11.59 6.04
C ILE A 320 5.60 -10.40 6.12
N ASN A 321 5.07 -9.27 6.55
N ASN A 321 5.07 -9.26 6.54
CA ASN A 321 5.89 -8.13 6.93
CA ASN A 321 5.91 -8.15 6.96
C ASN A 321 6.58 -8.44 8.25
C ASN A 321 6.62 -8.50 8.25
N GLU A 322 7.77 -7.87 8.45
CA GLU A 322 8.51 -7.99 9.72
C GLU A 322 7.64 -7.68 10.96
N VAL A 323 6.87 -6.59 10.87
CA VAL A 323 5.97 -6.21 11.96
C VAL A 323 4.54 -5.93 11.48
N GLY A 324 3.57 -6.20 12.34
CA GLY A 324 2.18 -5.78 12.13
C GLY A 324 1.26 -6.74 11.43
N THR A 325 1.70 -7.98 11.21
CA THR A 325 0.85 -9.01 10.61
C THR A 325 -0.39 -9.24 11.49
N ILE A 326 -1.56 -9.33 10.86
CA ILE A 326 -2.78 -9.74 11.56
C ILE A 326 -3.07 -11.18 11.16
N TYR A 327 -3.17 -12.04 12.17
CA TYR A 327 -3.44 -13.45 11.94
C TYR A 327 -4.90 -13.77 12.22
N ILE A 328 -5.74 -13.73 11.18
CA ILE A 328 -7.14 -14.10 11.37
C ILE A 328 -7.23 -15.61 11.58
N ASP A 329 -8.24 -16.05 12.34
CA ASP A 329 -8.28 -17.43 12.81
C ASP A 329 -8.28 -18.42 11.65
N GLY A 330 -7.31 -19.33 11.66
CA GLY A 330 -7.04 -20.21 10.52
C GLY A 330 -5.64 -20.00 9.99
N THR A 331 -4.90 -19.09 10.62
CA THR A 331 -3.49 -18.84 10.29
C THR A 331 -2.68 -18.79 11.59
N LYS A 350 14.14 -4.57 19.84
CA LYS A 350 14.70 -4.70 18.50
C LYS A 350 13.99 -3.77 17.51
N ARG A 351 14.73 -2.80 16.98
CA ARG A 351 14.19 -1.88 15.99
C ARG A 351 13.99 -2.61 14.65
N SER A 352 12.82 -2.41 14.05
CA SER A 352 12.46 -3.08 12.79
C SER A 352 12.78 -2.23 11.56
N GLY A 353 12.81 -2.87 10.39
CA GLY A 353 12.99 -2.16 9.13
C GLY A 353 14.42 -1.73 8.86
N ILE A 354 14.58 -0.91 7.84
CA ILE A 354 15.88 -0.47 7.36
C ILE A 354 15.84 1.04 7.23
N TYR A 355 16.82 1.72 7.84
CA TYR A 355 16.90 3.17 7.74
C TYR A 355 18.04 3.58 6.82
N CYS A 356 17.67 4.23 5.72
CA CYS A 356 18.62 4.64 4.71
C CYS A 356 18.78 6.15 4.78
N VAL A 357 20.01 6.60 5.03
CA VAL A 357 20.35 8.02 4.96
C VAL A 357 19.87 8.58 3.61
N ALA A 358 19.11 9.67 3.71
CA ALA A 358 18.55 10.37 2.55
C ALA A 358 19.32 11.65 2.23
N LYS A 359 19.26 12.07 0.97
CA LYS A 359 19.95 13.28 0.50
C LYS A 359 19.11 14.55 0.66
N THR A 360 17.86 14.50 0.22
CA THR A 360 16.92 15.62 0.31
C THR A 360 15.63 15.07 0.87
N GLU A 361 14.66 15.96 1.08
N GLU A 361 14.64 15.92 1.11
CA GLU A 361 13.32 15.62 1.51
CA GLU A 361 13.30 15.45 1.52
C GLU A 361 12.44 15.24 0.31
C GLU A 361 12.57 14.83 0.33
N ASN A 362 13.04 15.15 -0.87
CA ASN A 362 12.32 14.81 -2.09
C ASN A 362 13.04 13.83 -3.02
N ASP A 363 13.76 12.88 -2.42
CA ASP A 363 14.57 11.91 -3.15
C ASP A 363 13.73 11.03 -4.07
N TRP A 364 12.52 10.73 -3.62
CA TRP A 364 11.66 9.78 -4.29
C TRP A 364 11.13 10.33 -5.61
N ILE A 365 10.53 11.50 -5.59
CA ILE A 365 10.02 12.11 -6.82
C ILE A 365 11.15 12.35 -7.80
N ARG A 366 12.28 12.84 -7.31
N ARG A 366 12.28 12.85 -7.30
CA ARG A 366 13.44 13.11 -8.17
CA ARG A 366 13.46 13.11 -8.13
C ARG A 366 14.04 11.82 -8.75
C ARG A 366 13.98 11.81 -8.76
N GLY A 367 14.04 10.75 -7.96
CA GLY A 367 14.52 9.44 -8.41
C GLY A 367 13.68 8.83 -9.52
N ILE A 368 12.36 8.80 -9.33
CA ILE A 368 11.48 8.21 -10.36
C ILE A 368 11.54 9.03 -11.66
N ASN A 369 11.56 10.36 -11.55
CA ASN A 369 11.69 11.24 -12.71
C ASN A 369 13.03 11.10 -13.43
N GLU A 370 14.13 11.28 -12.70
CA GLU A 370 15.46 11.37 -13.32
C GLU A 370 16.13 10.04 -13.61
N LEU A 371 15.93 9.06 -12.75
CA LEU A 371 16.57 7.75 -12.96
C LEU A 371 15.71 6.79 -13.76
N LEU A 372 14.40 6.80 -13.50
CA LEU A 372 13.50 5.85 -14.18
C LEU A 372 12.78 6.45 -15.38
N GLY A 373 12.86 7.77 -15.54
CA GLY A 373 12.21 8.46 -16.65
C GLY A 373 10.70 8.41 -16.57
N PHE A 374 10.17 8.53 -15.34
CA PHE A 374 8.73 8.47 -15.11
C PHE A 374 8.03 9.56 -15.92
N ASN A 375 6.92 9.17 -16.56
CA ASN A 375 6.13 10.04 -17.43
C ASN A 375 6.99 10.99 -18.29
N SER A 376 7.94 10.41 -19.03
CA SER A 376 8.75 11.19 -19.96
C SER A 376 7.88 11.73 -21.06
N SER A 377 8.01 13.03 -21.30
CA SER A 377 7.24 13.70 -22.35
C SER A 377 7.73 13.24 -23.72
N PHE A 378 6.82 13.16 -24.69
CA PHE A 378 7.23 12.98 -26.08
C PHE A 378 7.98 14.25 -26.50
N ARG A 379 8.90 14.14 -27.45
CA ARG A 379 9.69 15.31 -27.87
C ARG A 379 8.80 16.43 -28.44
N LEU A 380 8.78 17.57 -27.76
CA LEU A 380 7.90 18.70 -28.12
C LEU A 380 8.60 19.82 -28.88
N THR A 381 9.92 19.84 -28.81
CA THR A 381 10.75 20.84 -29.50
C THR A 381 12.04 20.20 -30.02
N LYS A 382 12.73 20.88 -30.93
CA LYS A 382 14.05 20.46 -31.46
C LYS A 382 14.13 18.97 -31.80
N VAL B 8 -50.63 2.66 6.70
CA VAL B 8 -49.40 3.51 6.64
C VAL B 8 -49.67 4.91 7.17
N LYS B 9 -48.82 5.37 8.10
CA LYS B 9 -48.88 6.75 8.57
C LYS B 9 -47.54 7.47 8.39
N ILE B 10 -47.57 8.58 7.66
CA ILE B 10 -46.40 9.42 7.43
C ILE B 10 -46.23 10.45 8.57
N LYS B 11 -45.07 10.44 9.22
CA LYS B 11 -44.75 11.35 10.32
C LYS B 11 -43.46 12.14 10.04
N PRO B 12 -43.34 13.36 10.60
CA PRO B 12 -42.12 14.14 10.41
C PRO B 12 -40.96 13.57 11.21
N VAL B 13 -39.79 13.44 10.57
CA VAL B 13 -38.62 12.86 11.23
C VAL B 13 -38.08 13.75 12.35
N ASN B 14 -38.40 15.05 12.30
CA ASN B 14 -37.95 15.99 13.34
C ASN B 14 -38.49 15.69 14.76
N ASN B 15 -39.39 14.72 14.86
CA ASN B 15 -39.85 14.19 16.16
C ASN B 15 -38.84 13.25 16.83
N LEU B 16 -37.84 12.82 16.06
CA LEU B 16 -36.86 11.85 16.54
C LEU B 16 -35.61 12.54 17.09
N ARG B 17 -34.95 11.87 18.05
CA ARG B 17 -33.68 12.37 18.57
C ARG B 17 -32.60 12.44 17.48
N SER B 18 -31.63 13.34 17.65
CA SER B 18 -30.43 13.38 16.83
C SER B 18 -29.71 12.04 16.83
N SER B 19 -28.89 11.83 15.80
CA SER B 19 -28.12 10.61 15.62
C SER B 19 -27.33 10.18 16.88
N SER B 20 -27.44 8.89 17.20
CA SER B 20 -26.62 8.27 18.22
C SER B 20 -25.45 7.56 17.56
N SER B 21 -24.25 7.83 18.06
CA SER B 21 -23.03 7.28 17.46
C SER B 21 -22.75 5.87 17.96
N ALA B 22 -22.20 5.04 17.10
CA ALA B 22 -21.74 3.73 17.51
C ALA B 22 -20.25 3.81 17.84
N ASP B 23 -19.78 2.85 18.62
CA ASP B 23 -18.36 2.75 18.93
C ASP B 23 -17.68 1.66 18.11
N PHE B 24 -16.46 1.95 17.66
CA PHE B 24 -15.71 1.01 16.83
C PHE B 24 -14.42 0.57 17.53
N VAL B 25 -14.29 -0.73 17.75
CA VAL B 25 -13.09 -1.31 18.36
C VAL B 25 -12.46 -2.36 17.46
N SER B 26 -11.12 -2.36 17.40
CA SER B 26 -10.39 -3.33 16.59
C SER B 26 -9.99 -4.54 17.44
N PRO B 27 -10.76 -5.63 17.34
CA PRO B 27 -10.47 -6.81 18.13
C PRO B 27 -9.18 -7.48 17.63
N PRO B 28 -8.45 -8.17 18.53
CA PRO B 28 -7.25 -8.88 18.09
C PRO B 28 -7.57 -9.88 16.99
N ASN B 29 -6.58 -10.14 16.12
CA ASN B 29 -6.72 -10.99 14.94
C ASN B 29 -8.01 -10.81 14.11
N SER B 30 -8.35 -9.55 13.89
CA SER B 30 -9.42 -9.17 12.98
C SER B 30 -8.92 -8.04 12.08
N LYS B 31 -9.39 -8.08 10.84
CA LYS B 31 -9.14 -7.02 9.86
C LYS B 31 -10.20 -5.92 9.97
N LEU B 32 -11.24 -6.18 10.77
CA LEU B 32 -12.46 -5.36 10.80
C LEU B 32 -12.70 -4.68 12.17
N GLN B 33 -13.65 -3.74 12.20
CA GLN B 33 -13.98 -2.99 13.42
C GLN B 33 -15.34 -3.43 13.95
N SER B 34 -15.35 -3.85 15.21
CA SER B 34 -16.62 -4.22 15.86
C SER B 34 -17.56 -3.03 15.99
N LEU B 35 -18.80 -3.22 15.55
CA LEU B 35 -19.82 -2.18 15.60
C LEU B 35 -20.65 -2.34 16.89
N ILE B 36 -20.37 -1.49 17.87
CA ILE B 36 -21.00 -1.59 19.19
C ILE B 36 -21.90 -0.38 19.42
N TRP B 37 -23.21 -0.62 19.47
CA TRP B 37 -24.17 0.44 19.75
C TRP B 37 -24.11 0.84 21.23
N GLN B 38 -23.53 2.00 21.52
N GLN B 38 -23.50 1.99 21.50
CA GLN B 38 -23.43 2.47 22.91
CA GLN B 38 -23.40 2.53 22.86
C GLN B 38 -24.79 2.92 23.45
C GLN B 38 -24.81 2.80 23.39
N ASN B 39 -25.62 3.48 22.57
CA ASN B 39 -27.03 3.69 22.84
C ASN B 39 -27.74 2.82 21.81
N PRO B 40 -28.86 2.18 22.20
CA PRO B 40 -29.60 1.36 21.25
C PRO B 40 -29.78 2.02 19.88
N LEU B 41 -29.67 1.20 18.84
CA LEU B 41 -30.00 1.60 17.47
C LEU B 41 -31.50 1.85 17.34
N GLN B 42 -31.87 3.00 16.78
CA GLN B 42 -33.28 3.36 16.59
C GLN B 42 -33.60 3.98 15.23
N ASN B 43 -32.77 4.93 14.80
CA ASN B 43 -33.08 5.69 13.60
C ASN B 43 -32.45 5.07 12.34
N VAL B 44 -33.27 4.33 11.59
CA VAL B 44 -32.76 3.60 10.43
C VAL B 44 -33.24 4.24 9.15
N TYR B 45 -32.32 4.83 8.41
CA TYR B 45 -32.67 5.47 7.14
C TYR B 45 -32.45 4.48 6.01
N ILE B 46 -33.49 4.27 5.21
CA ILE B 46 -33.44 3.31 4.10
C ILE B 46 -33.55 4.02 2.75
N THR B 47 -32.52 3.82 1.92
CA THR B 47 -32.49 4.35 0.57
C THR B 47 -32.42 3.23 -0.47
N LYS B 48 -32.95 3.50 -1.66
CA LYS B 48 -33.05 2.50 -2.71
C LYS B 48 -32.78 3.08 -4.09
N LYS B 49 -32.27 2.24 -5.00
CA LYS B 49 -32.14 2.62 -6.40
C LYS B 49 -33.55 2.93 -6.92
N PRO B 50 -33.74 4.14 -7.49
CA PRO B 50 -35.08 4.57 -7.89
C PRO B 50 -35.55 3.90 -9.18
N TRP B 51 -36.86 4.00 -9.46
CA TRP B 51 -37.49 3.42 -10.66
C TRP B 51 -37.12 1.96 -10.91
N THR B 52 -36.98 1.20 -9.82
CA THR B 52 -36.52 -0.19 -9.88
C THR B 52 -37.40 -1.07 -8.99
N PRO B 53 -38.35 -1.80 -9.61
CA PRO B 53 -39.26 -2.76 -8.96
C PRO B 53 -38.68 -3.59 -7.81
N SER B 54 -37.53 -4.22 -8.01
CA SER B 54 -36.97 -5.11 -6.98
C SER B 54 -36.51 -4.37 -5.71
N THR B 55 -36.02 -3.14 -5.86
CA THR B 55 -35.61 -2.34 -4.70
C THR B 55 -36.84 -1.80 -3.93
N ARG B 56 -37.90 -1.47 -4.67
N ARG B 56 -37.90 -1.47 -4.67
CA ARG B 56 -39.17 -1.02 -4.10
CA ARG B 56 -39.15 -1.01 -4.07
C ARG B 56 -39.81 -2.11 -3.25
C ARG B 56 -39.79 -2.12 -3.24
N GLU B 57 -39.88 -3.33 -3.81
CA GLU B 57 -40.45 -4.48 -3.13
C GLU B 57 -39.63 -4.90 -1.91
N ALA B 58 -38.30 -4.88 -2.07
CA ALA B 58 -37.38 -5.19 -0.98
C ALA B 58 -37.48 -4.17 0.17
N MET B 59 -37.67 -2.90 -0.18
CA MET B 59 -37.86 -1.85 0.84
C MET B 59 -39.11 -2.12 1.68
N VAL B 60 -40.23 -2.34 1.01
CA VAL B 60 -41.49 -2.69 1.67
C VAL B 60 -41.27 -3.86 2.62
N GLU B 61 -40.70 -4.94 2.08
CA GLU B 61 -40.43 -6.17 2.83
C GLU B 61 -39.50 -5.96 4.03
N PHE B 62 -38.49 -5.09 3.87
CA PHE B 62 -37.55 -4.80 4.96
C PHE B 62 -38.22 -3.99 6.08
N ILE B 63 -39.00 -2.99 5.68
CA ILE B 63 -39.72 -2.13 6.61
C ILE B 63 -40.79 -2.93 7.37
N THR B 64 -41.57 -3.73 6.62
CA THR B 64 -42.50 -4.68 7.22
C THR B 64 -41.79 -5.50 8.29
N HIS B 65 -40.64 -6.08 7.95
CA HIS B 65 -39.88 -6.88 8.91
C HIS B 65 -39.45 -6.11 10.17
N LEU B 66 -39.00 -4.87 9.98
CA LEU B 66 -38.59 -4.01 11.08
C LEU B 66 -39.76 -3.69 12.01
N HIS B 67 -40.87 -3.26 11.44
CA HIS B 67 -42.08 -2.97 12.22
C HIS B 67 -42.61 -4.20 12.95
N GLU B 68 -42.48 -5.37 12.32
CA GLU B 68 -42.89 -6.64 12.95
C GLU B 68 -41.98 -7.02 14.12
N SER B 69 -40.66 -6.94 13.92
CA SER B 69 -39.71 -7.55 14.84
C SER B 69 -38.98 -6.59 15.78
N TYR B 70 -39.04 -5.28 15.50
CA TYR B 70 -38.27 -4.31 16.27
C TYR B 70 -39.09 -3.06 16.56
N PRO B 71 -39.95 -3.12 17.59
CA PRO B 71 -40.88 -2.01 17.89
C PRO B 71 -40.15 -0.67 18.06
N GLU B 72 -38.98 -0.70 18.69
CA GLU B 72 -38.17 0.47 19.02
C GLU B 72 -37.55 1.19 17.82
N VAL B 73 -37.45 0.48 16.69
CA VAL B 73 -36.84 1.04 15.49
C VAL B 73 -37.76 2.01 14.76
N ASN B 74 -37.22 3.18 14.44
CA ASN B 74 -37.89 4.18 13.64
C ASN B 74 -37.40 4.16 12.20
N VAL B 75 -38.31 3.97 11.27
CA VAL B 75 -37.98 3.87 9.86
C VAL B 75 -38.02 5.24 9.20
N ILE B 76 -36.90 5.62 8.58
CA ILE B 76 -36.80 6.88 7.87
C ILE B 76 -36.61 6.65 6.37
N VAL B 77 -37.41 7.34 5.56
CA VAL B 77 -37.26 7.34 4.10
C VAL B 77 -37.41 8.76 3.56
N GLN B 78 -37.04 8.97 2.29
CA GLN B 78 -37.24 10.25 1.60
C GLN B 78 -38.74 10.53 1.40
N PRO B 79 -39.14 11.83 1.39
CA PRO B 79 -40.54 12.24 1.17
C PRO B 79 -41.20 11.61 -0.08
N ASP B 80 -40.57 11.77 -1.24
CA ASP B 80 -41.12 11.22 -2.49
C ASP B 80 -41.18 9.69 -2.46
N VAL B 81 -40.29 9.07 -1.68
CA VAL B 81 -40.30 7.62 -1.51
C VAL B 81 -41.46 7.18 -0.62
N ALA B 82 -41.68 7.88 0.49
CA ALA B 82 -42.82 7.62 1.38
C ALA B 82 -44.15 7.66 0.62
N GLU B 83 -44.29 8.60 -0.31
CA GLU B 83 -45.47 8.70 -1.17
C GLU B 83 -45.58 7.51 -2.13
N GLU B 84 -44.45 7.11 -2.70
CA GLU B 84 -44.39 6.02 -3.68
C GLU B 84 -44.77 4.64 -3.09
N ILE B 85 -44.40 4.41 -1.84
CA ILE B 85 -44.55 3.08 -1.23
C ILE B 85 -45.71 2.96 -0.24
N SER B 86 -46.39 4.07 0.04
CA SER B 86 -47.51 4.05 0.99
C SER B 86 -48.62 3.08 0.56
N GLN B 87 -48.89 3.05 -0.74
CA GLN B 87 -49.90 2.16 -1.31
C GLN B 87 -49.47 0.68 -1.36
N ASP B 88 -48.17 0.43 -1.19
CA ASP B 88 -47.60 -0.93 -1.29
C ASP B 88 -47.85 -1.76 -0.04
N PHE B 89 -48.05 -1.09 1.10
CA PHE B 89 -48.42 -1.76 2.33
C PHE B 89 -49.94 -1.89 2.34
N LYS B 90 -50.44 -3.04 2.75
CA LYS B 90 -51.89 -3.23 2.87
C LYS B 90 -52.29 -3.72 4.26
N SER B 91 -51.56 -4.71 4.76
CA SER B 91 -51.80 -5.28 6.08
C SER B 91 -51.06 -4.52 7.17
N PRO B 92 -51.81 -3.94 8.13
CA PRO B 92 -51.22 -3.29 9.30
C PRO B 92 -50.58 -4.30 10.26
N LEU B 93 -49.81 -3.79 11.23
CA LEU B 93 -49.08 -4.61 12.20
C LEU B 93 -50.02 -5.55 12.97
N GLU B 94 -49.74 -6.85 12.89
N GLU B 94 -49.74 -6.85 12.90
CA GLU B 94 -50.57 -7.91 13.50
CA GLU B 94 -50.57 -7.91 13.50
C GLU B 94 -52.06 -7.80 13.16
C GLU B 94 -52.06 -7.80 13.16
N ASN B 95 -52.34 -7.26 11.98
CA ASN B 95 -53.71 -7.08 11.44
C ASN B 95 -54.73 -6.32 12.28
N ASP B 96 -54.26 -5.41 13.14
CA ASP B 96 -55.15 -4.46 13.83
C ASP B 96 -54.97 -3.04 13.28
N PRO B 97 -56.07 -2.41 12.81
CA PRO B 97 -56.09 -1.09 12.17
C PRO B 97 -55.48 0.05 13.00
N ASN B 98 -55.15 -0.21 14.26
CA ASN B 98 -54.60 0.83 15.14
C ASN B 98 -53.09 0.98 15.10
N ARG B 99 -52.40 -0.02 14.54
CA ARG B 99 -50.98 0.09 14.26
C ARG B 99 -50.71 0.06 12.76
N PRO B 100 -50.73 1.24 12.10
CA PRO B 100 -50.32 1.31 10.71
C PRO B 100 -48.80 1.35 10.60
N HIS B 101 -48.29 1.23 9.38
CA HIS B 101 -46.85 1.32 9.15
C HIS B 101 -46.37 2.77 9.24
N ILE B 102 -45.68 3.09 10.33
CA ILE B 102 -45.16 4.44 10.54
C ILE B 102 -43.88 4.68 9.74
N LEU B 103 -43.97 5.62 8.79
CA LEU B 103 -42.83 6.08 8.03
C LEU B 103 -42.46 7.50 8.45
N TYR B 104 -41.24 7.65 8.98
CA TYR B 104 -40.71 8.97 9.29
C TYR B 104 -40.04 9.54 8.06
N THR B 105 -40.30 10.80 7.79
CA THR B 105 -39.70 11.46 6.64
C THR B 105 -39.57 12.96 6.87
N GLY B 106 -38.89 13.65 5.97
CA GLY B 106 -38.74 15.10 6.06
C GLY B 106 -37.61 15.60 5.18
N PRO B 107 -37.21 16.88 5.33
CA PRO B 107 -36.13 17.49 4.54
C PRO B 107 -34.82 16.72 4.69
N GLU B 108 -33.95 16.81 3.70
CA GLU B 108 -32.63 16.12 3.73
C GLU B 108 -31.87 16.32 5.04
N GLN B 109 -31.77 17.57 5.49
CA GLN B 109 -30.98 17.88 6.67
C GLN B 109 -31.50 17.20 7.94
N ASP B 110 -32.82 17.10 8.06
CA ASP B 110 -33.43 16.42 9.21
C ASP B 110 -33.02 14.94 9.23
N ILE B 111 -33.03 14.31 8.06
CA ILE B 111 -32.61 12.90 7.89
C ILE B 111 -31.14 12.73 8.27
N VAL B 112 -30.29 13.59 7.68
CA VAL B 112 -28.86 13.61 7.98
C VAL B 112 -28.58 13.74 9.49
N ASN B 113 -29.31 14.65 10.15
CA ASN B 113 -29.08 14.91 11.57
C ASN B 113 -29.47 13.75 12.49
N ARG B 114 -30.39 12.91 12.04
CA ARG B 114 -31.00 11.90 12.92
C ARG B 114 -30.62 10.45 12.65
N THR B 115 -30.10 10.17 11.45
CA THR B 115 -29.76 8.80 11.05
C THR B 115 -28.69 8.13 11.92
N ASP B 116 -29.05 6.98 12.49
CA ASP B 116 -28.11 6.12 13.21
C ASP B 116 -27.44 5.13 12.25
N LEU B 117 -28.21 4.58 11.32
CA LEU B 117 -27.72 3.57 10.37
C LEU B 117 -28.29 3.81 8.99
N LEU B 118 -27.41 3.85 7.98
CA LEU B 118 -27.83 3.96 6.58
C LEU B 118 -27.94 2.57 5.94
N VAL B 119 -29.13 2.23 5.46
CA VAL B 119 -29.35 0.97 4.76
C VAL B 119 -29.59 1.24 3.29
N THR B 120 -28.81 0.57 2.43
CA THR B 120 -28.96 0.78 1.00
C THR B 120 -29.49 -0.49 0.33
N LEU B 121 -30.39 -0.29 -0.62
CA LEU B 121 -30.98 -1.38 -1.41
C LEU B 121 -30.80 -1.04 -2.87
N GLY B 122 -29.80 -1.65 -3.51
CA GLY B 122 -29.48 -1.31 -4.89
C GLY B 122 -28.07 -1.73 -5.23
N GLY B 123 -27.30 -0.82 -5.82
CA GLY B 123 -25.92 -1.08 -6.22
C GLY B 123 -24.95 -0.01 -5.73
N ASP B 124 -23.80 0.09 -6.39
CA ASP B 124 -22.75 1.03 -5.97
C ASP B 124 -23.24 2.49 -5.96
N GLY B 125 -23.94 2.90 -7.00
CA GLY B 125 -24.55 4.23 -7.09
C GLY B 125 -25.40 4.59 -5.88
N THR B 126 -26.13 3.62 -5.37
CA THR B 126 -27.03 3.79 -4.22
C THR B 126 -26.22 4.16 -2.98
N ILE B 127 -25.14 3.43 -2.74
CA ILE B 127 -24.25 3.68 -1.62
C ILE B 127 -23.62 5.05 -1.79
N LEU B 128 -23.03 5.30 -2.97
CA LEU B 128 -22.31 6.56 -3.22
C LEU B 128 -23.20 7.78 -3.01
N HIS B 129 -24.43 7.72 -3.52
N HIS B 129 -24.42 7.71 -3.53
CA HIS B 129 -25.33 8.87 -3.42
CA HIS B 129 -25.39 8.81 -3.46
C HIS B 129 -25.91 9.02 -2.01
C HIS B 129 -25.82 9.01 -1.99
N GLY B 130 -26.13 7.89 -1.34
CA GLY B 130 -26.60 7.91 0.05
C GLY B 130 -25.55 8.54 0.97
N VAL B 131 -24.31 8.08 0.83
CA VAL B 131 -23.18 8.62 1.58
C VAL B 131 -22.94 10.12 1.32
N SER B 132 -23.02 10.53 0.05
CA SER B 132 -22.82 11.94 -0.35
C SER B 132 -23.86 12.88 0.25
N MET B 133 -25.07 12.35 0.46
CA MET B 133 -26.14 13.15 1.04
C MET B 133 -25.72 13.77 2.37
N PHE B 134 -24.84 13.10 3.09
CA PHE B 134 -24.42 13.54 4.41
C PHE B 134 -23.50 14.76 4.40
N GLY B 135 -23.02 15.16 3.23
CA GLY B 135 -22.14 16.31 3.10
C GLY B 135 -20.97 16.22 4.06
N ASN B 136 -20.90 17.16 5.01
CA ASN B 136 -19.81 17.18 5.98
C ASN B 136 -20.13 16.55 7.33
N THR B 137 -21.37 16.12 7.52
CA THR B 137 -21.73 15.42 8.74
C THR B 137 -21.07 14.04 8.70
N GLN B 138 -20.53 13.61 9.85
CA GLN B 138 -19.93 12.28 9.90
C GLN B 138 -20.96 11.26 9.41
N VAL B 139 -20.50 10.27 8.66
CA VAL B 139 -21.42 9.34 8.02
C VAL B 139 -21.71 8.20 8.98
N PRO B 140 -23.00 7.86 9.15
CA PRO B 140 -23.36 6.72 9.98
C PRO B 140 -22.91 5.42 9.29
N PRO B 141 -22.81 4.31 10.04
CA PRO B 141 -22.49 3.01 9.46
C PRO B 141 -23.44 2.66 8.32
N VAL B 142 -22.95 1.90 7.34
CA VAL B 142 -23.71 1.60 6.14
C VAL B 142 -23.93 0.09 6.03
N LEU B 143 -25.19 -0.32 5.92
CA LEU B 143 -25.54 -1.71 5.71
C LEU B 143 -26.09 -1.82 4.30
N ALA B 144 -25.34 -2.49 3.43
CA ALA B 144 -25.61 -2.46 1.99
C ALA B 144 -26.04 -3.83 1.47
N PHE B 145 -27.25 -3.87 0.91
CA PHE B 145 -27.80 -5.07 0.26
C PHE B 145 -27.80 -4.91 -1.26
N ALA B 146 -27.32 -5.93 -1.95
CA ALA B 146 -27.24 -5.92 -3.41
C ALA B 146 -28.58 -6.31 -4.03
N LEU B 147 -29.16 -5.40 -4.80
CA LEU B 147 -30.42 -5.68 -5.49
C LEU B 147 -30.38 -5.16 -6.91
N GLY B 148 -30.97 -5.93 -7.81
CA GLY B 148 -30.94 -5.61 -9.24
C GLY B 148 -29.60 -5.97 -9.84
N THR B 149 -29.14 -5.16 -10.78
N THR B 149 -29.13 -5.17 -10.80
CA THR B 149 -27.85 -5.38 -11.44
CA THR B 149 -27.86 -5.43 -11.45
C THR B 149 -26.73 -5.30 -10.40
C THR B 149 -26.68 -5.25 -10.50
N LEU B 150 -25.76 -6.21 -10.51
CA LEU B 150 -24.67 -6.28 -9.54
C LEU B 150 -23.63 -5.17 -9.72
N GLY B 151 -23.15 -4.67 -8.59
CA GLY B 151 -22.00 -3.78 -8.53
C GLY B 151 -21.00 -4.44 -7.61
N PHE B 152 -20.05 -3.67 -7.10
CA PHE B 152 -18.95 -4.27 -6.34
C PHE B 152 -19.06 -4.14 -4.82
N LEU B 153 -19.65 -3.06 -4.33
CA LEU B 153 -19.51 -2.70 -2.90
C LEU B 153 -20.46 -3.35 -1.89
N SER B 154 -21.68 -3.73 -2.30
CA SER B 154 -22.67 -4.29 -1.35
C SER B 154 -22.40 -5.76 -1.08
N PRO B 155 -22.04 -6.12 0.16
CA PRO B 155 -21.63 -7.50 0.45
C PRO B 155 -22.76 -8.49 0.67
N PHE B 156 -23.97 -7.99 0.94
CA PHE B 156 -25.07 -8.87 1.35
C PHE B 156 -26.13 -9.04 0.28
N ASP B 157 -26.57 -10.28 0.10
CA ASP B 157 -27.77 -10.63 -0.67
C ASP B 157 -29.00 -10.23 0.16
N PHE B 158 -29.98 -9.60 -0.46
CA PHE B 158 -31.16 -9.16 0.30
C PHE B 158 -31.84 -10.31 1.05
N LYS B 159 -31.80 -11.53 0.47
CA LYS B 159 -32.43 -12.68 1.10
C LYS B 159 -32.01 -12.91 2.55
N GLU B 160 -30.78 -12.55 2.90
N GLU B 160 -30.78 -12.52 2.89
CA GLU B 160 -30.30 -12.73 4.27
CA GLU B 160 -30.25 -12.69 4.24
C GLU B 160 -30.53 -11.51 5.17
C GLU B 160 -30.55 -11.51 5.18
N HIS B 161 -31.41 -10.60 4.75
CA HIS B 161 -31.66 -9.34 5.50
C HIS B 161 -32.06 -9.45 6.98
N LYS B 162 -32.81 -10.50 7.33
CA LYS B 162 -33.25 -10.69 8.72
C LYS B 162 -32.11 -11.10 9.64
N LYS B 163 -31.31 -12.06 9.20
CA LYS B 163 -30.16 -12.52 9.96
C LYS B 163 -29.08 -11.43 10.10
N VAL B 164 -28.80 -10.74 9.00
CA VAL B 164 -27.78 -9.69 9.01
C VAL B 164 -28.17 -8.54 9.93
N PHE B 165 -29.38 -8.00 9.75
CA PHE B 165 -29.84 -6.90 10.60
C PHE B 165 -29.85 -7.27 12.10
N GLN B 166 -30.25 -8.49 12.43
CA GLN B 166 -30.17 -8.97 13.81
C GLN B 166 -28.75 -8.90 14.40
N GLU B 167 -27.75 -9.22 13.59
CA GLU B 167 -26.35 -9.11 14.06
C GLU B 167 -25.96 -7.65 14.26
N VAL B 168 -26.40 -6.80 13.34
CA VAL B 168 -26.14 -5.36 13.39
C VAL B 168 -26.68 -4.70 14.67
N ILE B 169 -28.00 -4.79 14.87
CA ILE B 169 -28.67 -4.16 16.01
C ILE B 169 -28.19 -4.74 17.36
N SER B 170 -27.73 -5.99 17.36
CA SER B 170 -27.29 -6.66 18.58
C SER B 170 -25.81 -6.47 18.90
N SER B 171 -25.17 -5.51 18.24
CA SER B 171 -23.74 -5.22 18.44
C SER B 171 -22.82 -6.42 18.20
N ARG B 172 -23.22 -7.31 17.28
CA ARG B 172 -22.38 -8.46 16.93
C ARG B 172 -21.74 -8.35 15.54
N ALA B 173 -22.06 -7.29 14.79
CA ALA B 173 -21.55 -7.14 13.43
C ALA B 173 -20.20 -6.44 13.39
N LYS B 174 -19.47 -6.62 12.29
CA LYS B 174 -18.20 -5.94 12.11
C LYS B 174 -18.22 -5.12 10.82
N CYS B 175 -17.42 -4.06 10.82
CA CYS B 175 -17.39 -3.14 9.68
C CYS B 175 -16.00 -3.03 9.06
N LEU B 176 -15.99 -2.85 7.75
CA LEU B 176 -14.80 -2.43 7.05
C LEU B 176 -14.78 -0.90 7.05
N HIS B 177 -13.66 -0.32 7.45
CA HIS B 177 -13.47 1.14 7.38
C HIS B 177 -12.94 1.53 6.00
N ARG B 178 -13.71 2.33 5.28
CA ARG B 178 -13.29 2.83 3.97
C ARG B 178 -12.93 4.29 4.12
N THR B 179 -11.70 4.64 3.75
CA THR B 179 -11.27 6.04 3.77
C THR B 179 -11.85 6.81 2.59
N ARG B 180 -11.93 8.12 2.76
CA ARG B 180 -12.37 9.01 1.71
C ARG B 180 -11.35 10.09 1.39
N LEU B 181 -11.41 10.59 0.16
CA LEU B 181 -10.64 11.77 -0.23
C LEU B 181 -11.49 13.03 -0.07
N GLU B 182 -10.82 14.16 0.13
CA GLU B 182 -11.46 15.48 0.13
C GLU B 182 -10.95 16.21 -1.08
N CYS B 183 -11.87 16.75 -1.89
CA CYS B 183 -11.47 17.58 -3.01
C CYS B 183 -11.73 19.04 -2.70
N HIS B 184 -10.67 19.85 -2.81
CA HIS B 184 -10.77 21.29 -2.62
C HIS B 184 -10.57 21.98 -3.96
N LEU B 185 -11.66 22.51 -4.51
CA LEU B 185 -11.62 23.21 -5.78
C LEU B 185 -11.40 24.69 -5.57
N LYS B 186 -10.33 25.20 -6.17
N LYS B 186 -10.32 25.20 -6.16
CA LYS B 186 -10.05 26.63 -6.17
CA LYS B 186 -10.07 26.64 -6.16
C LYS B 186 -10.04 27.18 -7.59
C LYS B 186 -10.04 27.17 -7.58
N LYS B 187 -11.13 27.83 -7.98
CA LYS B 187 -11.22 28.48 -9.28
C LYS B 187 -10.51 29.84 -9.24
N LYS B 188 -9.94 30.25 -10.38
CA LYS B 188 -9.26 31.54 -10.48
C LYS B 188 -10.14 32.72 -10.03
N ASP B 189 -11.37 32.75 -10.52
CA ASP B 189 -12.30 33.86 -10.27
C ASP B 189 -12.57 34.19 -8.79
N SER B 190 -13.05 33.21 -8.03
CA SER B 190 -13.66 33.53 -6.74
C SER B 190 -12.82 33.26 -5.48
N ASN B 191 -13.39 33.66 -4.34
CA ASN B 191 -12.73 33.75 -3.04
C ASN B 191 -12.38 32.43 -2.36
N SER B 192 -13.34 31.50 -2.32
CA SER B 192 -13.22 30.32 -1.45
C SER B 192 -13.25 28.97 -2.19
N SER B 193 -12.77 27.94 -1.51
CA SER B 193 -12.78 26.58 -2.01
C SER B 193 -14.15 25.91 -1.87
N ILE B 194 -14.52 25.11 -2.86
CA ILE B 194 -15.67 24.22 -2.78
C ILE B 194 -15.14 22.83 -2.39
N VAL B 195 -15.59 22.33 -1.25
CA VAL B 195 -15.07 21.08 -0.72
C VAL B 195 -16.07 19.94 -0.92
N THR B 196 -15.59 18.83 -1.47
N THR B 196 -15.59 18.84 -1.51
CA THR B 196 -16.41 17.65 -1.73
CA THR B 196 -16.40 17.64 -1.68
C THR B 196 -15.68 16.37 -1.31
C THR B 196 -15.66 16.44 -1.12
N HIS B 197 -16.42 15.40 -0.77
CA HIS B 197 -15.82 14.14 -0.30
C HIS B 197 -16.05 13.03 -1.31
N ALA B 198 -15.04 12.19 -1.50
CA ALA B 198 -15.10 11.08 -2.48
C ALA B 198 -14.86 9.73 -1.81
N MET B 199 -15.82 8.81 -2.00
CA MET B 199 -15.62 7.40 -1.63
C MET B 199 -14.76 6.64 -2.65
N ASN B 200 -14.94 6.95 -3.93
CA ASN B 200 -14.22 6.31 -5.05
C ASN B 200 -13.05 7.15 -5.51
N ASP B 201 -13.37 8.32 -6.08
CA ASP B 201 -12.39 9.06 -6.84
C ASP B 201 -12.76 10.50 -7.10
N ILE B 202 -11.76 11.25 -7.52
CA ILE B 202 -11.94 12.58 -8.03
C ILE B 202 -11.21 12.51 -9.35
N PHE B 203 -11.85 12.92 -10.43
CA PHE B 203 -11.15 12.90 -11.70
C PHE B 203 -11.37 14.13 -12.57
N LEU B 204 -10.34 14.41 -13.36
CA LEU B 204 -10.36 15.48 -14.34
C LEU B 204 -10.36 14.82 -15.71
N HIS B 205 -11.15 15.35 -16.64
CA HIS B 205 -11.27 14.73 -17.97
C HIS B 205 -11.61 15.77 -19.03
N ARG B 206 -11.09 15.58 -20.24
CA ARG B 206 -11.44 16.46 -21.37
C ARG B 206 -12.94 16.46 -21.69
N GLY B 207 -13.62 15.37 -21.36
CA GLY B 207 -15.06 15.25 -21.56
C GLY B 207 -15.46 15.54 -23.00
N ASN B 208 -16.33 16.53 -23.14
CA ASN B 208 -16.84 16.96 -24.44
C ASN B 208 -15.79 17.56 -25.37
N SER B 209 -14.69 18.07 -24.81
CA SER B 209 -13.64 18.71 -25.60
C SER B 209 -12.75 17.73 -26.35
N PRO B 210 -12.49 18.00 -27.65
CA PRO B 210 -11.64 17.13 -28.44
C PRO B 210 -10.15 17.32 -28.12
N HIS B 211 -9.86 18.37 -27.36
CA HIS B 211 -8.50 18.73 -26.97
C HIS B 211 -8.09 18.06 -25.64
N LEU B 212 -6.85 17.62 -25.58
CA LEU B 212 -6.33 16.93 -24.41
C LEU B 212 -6.11 17.91 -23.24
N THR B 213 -6.28 17.40 -22.02
CA THR B 213 -6.04 18.22 -20.83
C THR B 213 -4.53 18.36 -20.69
N ASN B 214 -4.07 19.46 -20.11
CA ASN B 214 -2.68 19.64 -19.75
C ASN B 214 -2.63 19.95 -18.27
N LEU B 215 -2.16 18.98 -17.49
CA LEU B 215 -2.25 19.07 -16.04
C LEU B 215 -0.88 19.08 -15.41
N ASP B 216 -0.66 20.05 -14.53
CA ASP B 216 0.55 20.10 -13.73
C ASP B 216 0.26 19.57 -12.34
N ILE B 217 0.99 18.53 -11.97
CA ILE B 217 0.72 17.76 -10.78
C ILE B 217 1.84 17.99 -9.77
N PHE B 218 1.43 18.31 -8.55
CA PHE B 218 2.34 18.59 -7.44
C PHE B 218 2.03 17.65 -6.28
N ILE B 219 3.07 17.11 -5.65
CA ILE B 219 2.89 16.33 -4.42
C ILE B 219 3.65 16.99 -3.27
N ASP B 220 2.92 17.29 -2.20
CA ASP B 220 3.46 17.97 -1.02
C ASP B 220 4.30 19.19 -1.40
N GLY B 221 3.82 19.96 -2.37
CA GLY B 221 4.49 21.19 -2.81
C GLY B 221 5.61 21.01 -3.84
N GLU B 222 5.91 19.77 -4.18
N GLU B 222 6.02 19.77 -4.10
CA GLU B 222 6.97 19.46 -5.13
CA GLU B 222 7.04 19.50 -5.13
C GLU B 222 6.41 19.02 -6.47
C GLU B 222 6.38 19.10 -6.45
N PHE B 223 6.90 19.64 -7.55
CA PHE B 223 6.42 19.32 -8.89
C PHE B 223 6.69 17.85 -9.23
N LEU B 224 5.63 17.13 -9.55
CA LEU B 224 5.79 15.75 -10.00
C LEU B 224 5.99 15.71 -11.52
N THR B 225 5.00 16.21 -12.27
CA THR B 225 4.99 16.00 -13.71
C THR B 225 3.90 16.82 -14.40
N ARG B 226 4.12 17.06 -15.69
CA ARG B 226 3.05 17.52 -16.56
C ARG B 226 2.53 16.33 -17.35
N THR B 227 1.22 16.17 -17.36
CA THR B 227 0.57 15.16 -18.19
C THR B 227 -0.39 15.78 -19.20
N THR B 228 -0.21 15.40 -20.45
CA THR B 228 -1.16 15.75 -21.51
C THR B 228 -1.91 14.44 -21.80
N ALA B 229 -3.22 14.44 -21.60
CA ALA B 229 -3.96 13.17 -21.51
C ALA B 229 -5.44 13.41 -21.68
N ASP B 230 -6.23 12.33 -21.77
CA ASP B 230 -7.67 12.45 -21.56
C ASP B 230 -7.95 13.05 -20.19
N GLY B 231 -7.15 12.65 -19.19
CA GLY B 231 -7.39 13.12 -17.83
C GLY B 231 -6.56 12.41 -16.80
N VAL B 232 -6.96 12.52 -15.55
CA VAL B 232 -6.27 11.84 -14.46
C VAL B 232 -7.24 11.52 -13.34
N ALA B 233 -7.05 10.38 -12.67
CA ALA B 233 -7.91 9.98 -11.56
C ALA B 233 -7.12 9.88 -10.28
N LEU B 234 -7.68 10.46 -9.22
CA LEU B 234 -7.14 10.26 -7.89
C LEU B 234 -8.18 9.40 -7.16
N ALA B 235 -7.78 8.23 -6.68
CA ALA B 235 -8.71 7.27 -6.11
C ALA B 235 -8.34 6.80 -4.72
N THR B 236 -9.36 6.48 -3.94
CA THR B 236 -9.20 5.70 -2.70
C THR B 236 -8.93 4.25 -3.09
N PRO B 237 -8.47 3.43 -2.12
CA PRO B 237 -8.39 1.99 -2.36
C PRO B 237 -9.75 1.41 -2.74
N THR B 238 -10.81 1.92 -2.13
CA THR B 238 -12.17 1.56 -2.52
C THR B 238 -12.37 1.85 -4.01
N GLY B 239 -11.94 3.04 -4.45
CA GLY B 239 -12.03 3.44 -5.86
C GLY B 239 -11.08 2.73 -6.82
N SER B 240 -10.13 1.95 -6.28
CA SER B 240 -9.18 1.25 -7.16
C SER B 240 -9.84 0.24 -8.13
N THR B 241 -11.05 -0.21 -7.78
CA THR B 241 -11.78 -1.13 -8.66
C THR B 241 -12.75 -0.41 -9.61
N ALA B 242 -12.80 0.90 -9.52
CA ALA B 242 -13.74 1.69 -10.32
C ALA B 242 -13.01 2.25 -11.53
N TYR B 243 -13.11 3.56 -11.78
CA TYR B 243 -12.50 4.16 -12.98
C TYR B 243 -11.00 3.81 -13.08
N SER B 244 -10.29 3.92 -11.96
CA SER B 244 -8.85 3.64 -11.94
C SER B 244 -8.51 2.26 -12.54
N LEU B 245 -9.32 1.25 -12.21
CA LEU B 245 -9.11 -0.09 -12.78
C LEU B 245 -9.28 -0.12 -14.30
N SER B 246 -10.30 0.59 -14.80
CA SER B 246 -10.52 0.68 -16.26
C SER B 246 -9.33 1.30 -16.94
N ALA B 247 -8.75 2.30 -16.30
CA ALA B 247 -7.56 2.99 -16.82
C ALA B 247 -6.23 2.23 -16.61
N GLY B 248 -6.28 1.00 -16.09
CA GLY B 248 -5.06 0.17 -15.98
C GLY B 248 -4.44 0.14 -14.60
N GLY B 249 -5.14 0.70 -13.61
CA GLY B 249 -4.63 0.71 -12.22
C GLY B 249 -4.58 -0.66 -11.58
N SER B 250 -3.81 -0.78 -10.50
CA SER B 250 -3.75 -1.98 -9.70
C SER B 250 -4.94 -2.11 -8.78
N ILE B 251 -5.22 -3.34 -8.38
CA ILE B 251 -6.29 -3.57 -7.42
C ILE B 251 -5.72 -3.44 -6.01
N VAL B 252 -6.28 -2.54 -5.22
CA VAL B 252 -5.75 -2.20 -3.92
C VAL B 252 -6.76 -2.54 -2.82
N SER B 253 -6.38 -3.46 -1.94
CA SER B 253 -7.23 -3.79 -0.80
C SER B 253 -7.65 -2.52 -0.05
N PRO B 254 -8.91 -2.47 0.40
CA PRO B 254 -9.41 -1.29 1.11
C PRO B 254 -8.78 -1.07 2.50
N LEU B 255 -7.98 -2.03 2.96
CA LEU B 255 -7.22 -1.89 4.20
C LEU B 255 -5.89 -1.13 4.04
N VAL B 256 -5.44 -0.92 2.80
CA VAL B 256 -4.19 -0.22 2.55
C VAL B 256 -4.40 1.28 2.71
N PRO B 257 -3.57 1.95 3.53
CA PRO B 257 -3.63 3.41 3.56
C PRO B 257 -2.82 3.99 2.40
N ALA B 258 -3.50 4.61 1.44
CA ALA B 258 -2.85 5.11 0.23
C ALA B 258 -3.81 5.93 -0.61
N ILE B 259 -3.24 6.72 -1.52
CA ILE B 259 -3.98 7.41 -2.56
C ILE B 259 -3.44 6.96 -3.93
N LEU B 260 -4.33 6.59 -4.84
CA LEU B 260 -3.93 6.17 -6.17
C LEU B 260 -3.96 7.35 -7.12
N MET B 261 -2.93 7.45 -7.95
CA MET B 261 -2.91 8.41 -9.03
C MET B 261 -2.75 7.62 -10.33
N THR B 262 -3.79 7.65 -11.15
CA THR B 262 -3.85 6.79 -12.33
C THR B 262 -4.15 7.68 -13.53
N PRO B 263 -3.26 7.70 -14.53
CA PRO B 263 -3.50 8.53 -15.68
C PRO B 263 -4.63 7.95 -16.54
N ILE B 264 -5.38 8.83 -17.20
CA ILE B 264 -6.45 8.41 -18.10
C ILE B 264 -5.99 8.73 -19.53
N CYS B 265 -5.59 7.68 -20.27
CA CYS B 265 -5.06 7.81 -21.65
C CYS B 265 -4.03 8.95 -21.83
N PRO B 266 -2.81 8.79 -21.26
CA PRO B 266 -1.81 9.84 -21.35
C PRO B 266 -0.98 9.76 -22.61
N ARG B 267 -0.55 10.93 -23.11
CA ARG B 267 0.42 10.99 -24.23
C ARG B 267 1.77 10.75 -23.64
N SER B 268 2.04 9.49 -23.34
CA SER B 268 3.27 9.06 -22.72
C SER B 268 3.35 7.56 -22.81
N LEU B 269 4.55 7.03 -22.92
CA LEU B 269 4.71 5.59 -22.82
C LEU B 269 5.05 5.16 -21.40
N SER B 270 5.27 6.12 -20.50
CA SER B 270 5.88 5.82 -19.21
C SER B 270 5.17 6.39 -17.97
N PHE B 271 3.90 6.77 -18.09
CA PHE B 271 3.14 7.19 -16.91
C PHE B 271 2.55 5.94 -16.23
N ARG B 272 3.41 5.18 -15.57
CA ARG B 272 2.99 4.02 -14.77
C ARG B 272 2.15 4.54 -13.61
N PRO B 273 1.04 3.84 -13.29
CA PRO B 273 0.21 4.33 -12.18
C PRO B 273 1.00 4.42 -10.85
N LEU B 274 0.68 5.41 -10.02
CA LEU B 274 1.38 5.63 -8.76
C LEU B 274 0.51 5.28 -7.56
N ILE B 275 1.16 4.76 -6.51
CA ILE B 275 0.51 4.57 -5.22
C ILE B 275 1.22 5.48 -4.22
N LEU B 276 0.48 6.45 -3.71
CA LEU B 276 1.04 7.52 -2.88
C LEU B 276 0.64 7.38 -1.41
N PRO B 277 1.43 7.98 -0.49
CA PRO B 277 1.07 7.90 0.92
C PRO B 277 -0.29 8.54 1.24
N HIS B 278 -0.96 7.94 2.22
N HIS B 278 -0.99 7.98 2.23
CA HIS B 278 -2.24 8.42 2.77
CA HIS B 278 -2.29 8.50 2.62
C HIS B 278 -2.22 9.92 3.10
C HIS B 278 -2.24 9.96 3.09
N SER B 279 -1.10 10.38 3.63
CA SER B 279 -0.93 11.78 4.10
C SER B 279 -0.56 12.79 2.99
N SER B 280 -0.46 12.32 1.74
CA SER B 280 -0.07 13.17 0.61
C SER B 280 -0.99 14.33 0.38
N HIS B 281 -0.42 15.47 0.04
CA HIS B 281 -1.17 16.62 -0.44
C HIS B 281 -0.91 16.72 -1.94
N ILE B 282 -1.98 16.56 -2.72
CA ILE B 282 -1.88 16.59 -4.16
C ILE B 282 -2.55 17.84 -4.72
N ARG B 283 -1.80 18.60 -5.49
CA ARG B 283 -2.34 19.78 -6.15
C ARG B 283 -2.23 19.59 -7.65
N ILE B 284 -3.33 19.78 -8.36
CA ILE B 284 -3.29 19.69 -9.82
C ILE B 284 -3.79 20.99 -10.42
N LYS B 285 -2.93 21.62 -11.21
CA LYS B 285 -3.26 22.88 -11.85
C LYS B 285 -3.57 22.66 -13.33
N ILE B 286 -4.66 23.25 -13.81
CA ILE B 286 -5.02 23.21 -15.22
C ILE B 286 -4.12 24.16 -16.01
N GLY B 287 -3.22 23.59 -16.80
CA GLY B 287 -2.23 24.37 -17.55
C GLY B 287 -2.58 24.58 -19.01
N SER B 288 -1.67 25.26 -19.72
CA SER B 288 -1.70 25.40 -21.19
C SER B 288 -0.54 24.65 -21.81
N SER B 297 -13.83 26.20 -19.76
CA SER B 297 -14.57 24.97 -20.03
C SER B 297 -13.68 23.91 -20.65
N VAL B 298 -12.38 24.03 -20.43
CA VAL B 298 -11.44 23.11 -21.07
C VAL B 298 -11.42 21.74 -20.40
N VAL B 299 -11.78 21.69 -19.11
CA VAL B 299 -11.63 20.44 -18.32
C VAL B 299 -12.79 20.19 -17.37
N LYS B 300 -13.34 18.98 -17.41
CA LYS B 300 -14.40 18.56 -16.51
C LYS B 300 -13.88 17.95 -15.19
N LEU B 301 -14.53 18.30 -14.09
CA LEU B 301 -14.22 17.74 -12.78
C LEU B 301 -15.39 16.86 -12.31
N SER B 302 -15.08 15.63 -11.91
CA SER B 302 -16.10 14.74 -11.35
C SER B 302 -15.69 14.13 -10.02
N VAL B 303 -16.65 13.99 -9.13
CA VAL B 303 -16.42 13.39 -7.82
C VAL B 303 -17.37 12.20 -7.69
N ASP B 304 -16.79 11.00 -7.54
CA ASP B 304 -17.58 9.76 -7.52
C ASP B 304 -18.49 9.66 -8.74
N GLY B 305 -18.03 10.19 -9.88
CA GLY B 305 -18.75 10.11 -11.14
C GLY B 305 -19.73 11.25 -11.41
N ILE B 306 -20.01 12.05 -10.37
CA ILE B 306 -20.95 13.16 -10.48
C ILE B 306 -20.25 14.44 -10.95
N PRO B 307 -20.62 14.97 -12.13
CA PRO B 307 -19.97 16.16 -12.66
C PRO B 307 -20.05 17.33 -11.70
N GLN B 308 -18.94 18.02 -11.51
CA GLN B 308 -18.91 19.23 -10.72
C GLN B 308 -18.75 20.40 -11.70
N GLN B 309 -18.34 21.56 -11.19
N GLN B 309 -18.38 21.58 -11.21
CA GLN B 309 -18.03 22.72 -12.03
CA GLN B 309 -18.09 22.73 -12.07
C GLN B 309 -17.01 22.36 -13.12
C GLN B 309 -17.01 22.43 -13.08
N ASP B 310 -17.15 22.98 -14.29
CA ASP B 310 -16.12 22.89 -15.33
C ASP B 310 -14.96 23.82 -14.97
N LEU B 311 -13.75 23.40 -15.31
CA LEU B 311 -12.54 24.14 -14.95
C LEU B 311 -11.91 24.83 -16.16
N ASP B 312 -11.34 26.02 -15.91
CA ASP B 312 -10.61 26.79 -16.92
C ASP B 312 -9.11 26.73 -16.63
N VAL B 313 -8.29 27.04 -17.64
CA VAL B 313 -6.84 27.20 -17.46
C VAL B 313 -6.55 28.08 -16.24
N GLY B 314 -5.69 27.61 -15.35
CA GLY B 314 -5.39 28.34 -14.12
C GLY B 314 -6.14 27.91 -12.86
N ASP B 315 -7.29 27.26 -13.01
CA ASP B 315 -7.99 26.64 -11.88
C ASP B 315 -7.15 25.52 -11.28
N GLU B 316 -7.42 25.18 -10.02
CA GLU B 316 -6.72 24.12 -9.31
C GLU B 316 -7.65 23.26 -8.46
N ILE B 317 -7.30 21.99 -8.31
CA ILE B 317 -7.85 21.16 -7.24
C ILE B 317 -6.74 20.78 -6.24
N TYR B 318 -7.12 20.67 -4.98
CA TYR B 318 -6.24 20.24 -3.93
C TYR B 318 -6.87 19.00 -3.30
N VAL B 319 -6.12 17.91 -3.23
CA VAL B 319 -6.69 16.64 -2.79
C VAL B 319 -5.88 16.03 -1.65
N ILE B 320 -6.59 15.71 -0.57
CA ILE B 320 -6.01 15.07 0.60
C ILE B 320 -6.96 13.97 1.09
N ASN B 321 -6.48 13.10 1.95
CA ASN B 321 -7.38 12.22 2.69
C ASN B 321 -8.18 12.99 3.73
N GLU B 322 -9.44 12.59 3.88
CA GLU B 322 -10.31 13.15 4.91
C GLU B 322 -9.67 12.86 6.27
N VAL B 323 -9.49 13.88 7.10
CA VAL B 323 -8.89 13.66 8.43
C VAL B 323 -9.92 13.80 9.56
N LYS B 350 -15.81 14.80 14.66
CA LYS B 350 -16.24 14.04 13.49
C LYS B 350 -15.40 12.78 13.29
N ARG B 351 -16.06 11.62 13.31
CA ARG B 351 -15.44 10.36 12.91
C ARG B 351 -15.29 10.38 11.38
N SER B 352 -14.09 10.14 10.89
CA SER B 352 -13.82 10.24 9.47
C SER B 352 -14.07 8.89 8.77
N GLY B 353 -14.27 8.94 7.45
CA GLY B 353 -14.39 7.73 6.65
C GLY B 353 -15.76 7.10 6.73
N ILE B 354 -15.87 5.91 6.16
CA ILE B 354 -17.14 5.21 6.02
C ILE B 354 -17.00 3.80 6.54
N TYR B 355 -17.82 3.46 7.52
CA TYR B 355 -17.81 2.12 8.09
C TYR B 355 -18.92 1.32 7.44
N CYS B 356 -18.54 0.29 6.69
CA CYS B 356 -19.51 -0.54 5.97
C CYS B 356 -19.58 -1.91 6.63
N VAL B 357 -20.78 -2.34 6.97
CA VAL B 357 -20.97 -3.67 7.57
C VAL B 357 -20.38 -4.70 6.61
N ALA B 358 -19.52 -5.58 7.13
CA ALA B 358 -18.89 -6.60 6.31
C ALA B 358 -19.54 -7.97 6.52
N LYS B 359 -19.53 -8.80 5.49
CA LYS B 359 -20.02 -10.17 5.58
C LYS B 359 -18.98 -11.09 6.21
N THR B 360 -17.75 -11.06 5.68
CA THR B 360 -16.68 -11.87 6.22
C THR B 360 -15.41 -11.05 6.31
N GLU B 361 -14.39 -11.62 6.94
CA GLU B 361 -13.05 -11.01 7.00
C GLU B 361 -12.38 -10.94 5.63
N ASN B 362 -12.90 -11.72 4.69
CA ASN B 362 -12.31 -11.84 3.36
C ASN B 362 -13.23 -11.46 2.18
N ASP B 363 -14.01 -10.39 2.36
CA ASP B 363 -14.97 -9.94 1.34
C ASP B 363 -14.28 -9.50 0.05
N TRP B 364 -13.15 -8.83 0.22
CA TRP B 364 -12.38 -8.29 -0.89
C TRP B 364 -11.88 -9.39 -1.84
N ILE B 365 -11.20 -10.40 -1.30
CA ILE B 365 -10.83 -11.58 -2.11
C ILE B 365 -12.01 -12.11 -2.92
N ARG B 366 -13.10 -12.37 -2.21
CA ARG B 366 -14.28 -12.95 -2.83
C ARG B 366 -14.88 -12.05 -3.89
N GLY B 367 -14.93 -10.76 -3.63
CA GLY B 367 -15.43 -9.80 -4.62
C GLY B 367 -14.59 -9.73 -5.90
N ILE B 368 -13.27 -9.66 -5.76
CA ILE B 368 -12.46 -9.57 -6.98
C ILE B 368 -12.54 -10.85 -7.83
N ASN B 369 -12.63 -11.99 -7.14
CA ASN B 369 -12.77 -13.27 -7.84
C ASN B 369 -14.10 -13.41 -8.54
N GLU B 370 -15.17 -13.21 -7.79
N GLU B 370 -15.19 -13.28 -7.78
CA GLU B 370 -16.51 -13.56 -8.26
CA GLU B 370 -16.53 -13.54 -8.32
C GLU B 370 -17.27 -12.45 -8.97
C GLU B 370 -17.04 -12.42 -9.21
N LEU B 371 -16.90 -11.18 -8.73
CA LEU B 371 -17.49 -10.04 -9.43
C LEU B 371 -16.63 -9.53 -10.56
N LEU B 372 -15.32 -9.45 -10.35
CA LEU B 372 -14.46 -8.82 -11.35
C LEU B 372 -13.77 -9.84 -12.27
N GLY B 373 -13.89 -11.12 -11.96
CA GLY B 373 -13.24 -12.15 -12.78
C GLY B 373 -11.73 -12.15 -12.66
N PHE B 374 -11.24 -11.73 -11.49
CA PHE B 374 -9.79 -11.64 -11.23
C PHE B 374 -9.09 -12.96 -11.55
N ASN B 375 -7.96 -12.85 -12.26
CA ASN B 375 -7.17 -13.99 -12.73
C ASN B 375 -8.02 -15.21 -13.16
N SER B 376 -8.94 -14.98 -14.10
CA SER B 376 -9.72 -16.08 -14.67
C SER B 376 -8.80 -17.01 -15.44
N SER B 377 -8.93 -18.28 -15.15
CA SER B 377 -8.17 -19.32 -15.85
C SER B 377 -8.66 -19.42 -17.29
N PHE B 378 -7.74 -19.65 -18.22
CA PHE B 378 -8.13 -20.05 -19.57
C PHE B 378 -8.90 -21.37 -19.44
N ARG B 379 -9.79 -21.67 -20.39
CA ARG B 379 -10.60 -22.90 -20.34
C ARG B 379 -9.72 -24.14 -20.49
N LEU B 380 -9.75 -25.00 -19.49
CA LEU B 380 -8.89 -26.20 -19.48
C LEU B 380 -9.67 -27.48 -19.76
N THR B 381 -11.00 -27.38 -19.72
CA THR B 381 -11.87 -28.49 -20.10
C THR B 381 -13.21 -28.03 -20.70
N LYS B 382 -13.74 -28.85 -21.60
CA LYS B 382 -15.10 -28.69 -22.17
C LYS B 382 -15.33 -27.39 -22.93
#